data_1FUF
# 
_entry.id   1FUF 
# 
_audit_conform.dict_name       mmcif_pdbx.dic 
_audit_conform.dict_version    5.385 
_audit_conform.dict_location   http://mmcif.pdb.org/dictionaries/ascii/mmcif_pdbx.dic 
# 
loop_
_database_2.database_id 
_database_2.database_code 
_database_2.pdbx_database_accession 
_database_2.pdbx_DOI 
PDB   1FUF         pdb_00001fuf 10.2210/pdb1fuf/pdb 
NDB   AR0029       ?            ?                   
RCSB  RCSB011912   ?            ?                   
WWPDB D_1000011912 ?            ?                   
# 
loop_
_pdbx_audit_revision_history.ordinal 
_pdbx_audit_revision_history.data_content_type 
_pdbx_audit_revision_history.major_revision 
_pdbx_audit_revision_history.minor_revision 
_pdbx_audit_revision_history.revision_date 
1 'Structure model' 1 0 2001-11-09 
2 'Structure model' 1 1 2008-04-27 
3 'Structure model' 1 2 2011-07-13 
4 'Structure model' 1 3 2018-01-31 
5 'Structure model' 1 4 2024-02-07 
# 
_pdbx_audit_revision_details.ordinal             1 
_pdbx_audit_revision_details.revision_ordinal    1 
_pdbx_audit_revision_details.data_content_type   'Structure model' 
_pdbx_audit_revision_details.provider            repository 
_pdbx_audit_revision_details.type                'Initial release' 
_pdbx_audit_revision_details.description         ? 
_pdbx_audit_revision_details.details             ? 
# 
loop_
_pdbx_audit_revision_group.ordinal 
_pdbx_audit_revision_group.revision_ordinal 
_pdbx_audit_revision_group.data_content_type 
_pdbx_audit_revision_group.group 
1 2 'Structure model' 'Version format compliance' 
2 3 'Structure model' 'Version format compliance' 
3 4 'Structure model' 'Experimental preparation'  
4 5 'Structure model' 'Data collection'           
5 5 'Structure model' 'Database references'       
6 5 'Structure model' 'Derived calculations'      
# 
loop_
_pdbx_audit_revision_category.ordinal 
_pdbx_audit_revision_category.revision_ordinal 
_pdbx_audit_revision_category.data_content_type 
_pdbx_audit_revision_category.category 
1 4 'Structure model' exptl_crystal_grow     
2 5 'Structure model' chem_comp_atom         
3 5 'Structure model' chem_comp_bond         
4 5 'Structure model' database_2             
5 5 'Structure model' pdbx_struct_conn_angle 
6 5 'Structure model' struct_conn            
7 5 'Structure model' struct_conn_type       
8 5 'Structure model' struct_site            
# 
loop_
_pdbx_audit_revision_item.ordinal 
_pdbx_audit_revision_item.revision_ordinal 
_pdbx_audit_revision_item.data_content_type 
_pdbx_audit_revision_item.item 
1  4 'Structure model' '_exptl_crystal_grow.temp'                    
2  5 'Structure model' '_database_2.pdbx_DOI'                        
3  5 'Structure model' '_database_2.pdbx_database_accession'         
4  5 'Structure model' '_pdbx_struct_conn_angle.ptnr1_auth_asym_id'  
5  5 'Structure model' '_pdbx_struct_conn_angle.ptnr1_auth_seq_id'   
6  5 'Structure model' '_pdbx_struct_conn_angle.ptnr1_label_asym_id' 
7  5 'Structure model' '_pdbx_struct_conn_angle.ptnr3_auth_asym_id'  
8  5 'Structure model' '_pdbx_struct_conn_angle.ptnr3_auth_seq_id'   
9  5 'Structure model' '_pdbx_struct_conn_angle.ptnr3_label_asym_id' 
10 5 'Structure model' '_pdbx_struct_conn_angle.value'               
11 5 'Structure model' '_struct_conn.conn_type_id'                   
12 5 'Structure model' '_struct_conn.id'                             
13 5 'Structure model' '_struct_conn.pdbx_dist_value'                
14 5 'Structure model' '_struct_conn.pdbx_leaving_atom_flag'         
15 5 'Structure model' '_struct_conn.ptnr1_auth_asym_id'             
16 5 'Structure model' '_struct_conn.ptnr1_auth_comp_id'             
17 5 'Structure model' '_struct_conn.ptnr1_auth_seq_id'              
18 5 'Structure model' '_struct_conn.ptnr1_label_asym_id'            
19 5 'Structure model' '_struct_conn.ptnr1_label_atom_id'            
20 5 'Structure model' '_struct_conn.ptnr1_label_comp_id'            
21 5 'Structure model' '_struct_conn.ptnr1_label_seq_id'             
22 5 'Structure model' '_struct_conn.ptnr2_auth_asym_id'             
23 5 'Structure model' '_struct_conn.ptnr2_auth_comp_id'             
24 5 'Structure model' '_struct_conn.ptnr2_auth_seq_id'              
25 5 'Structure model' '_struct_conn.ptnr2_label_asym_id'            
26 5 'Structure model' '_struct_conn.ptnr2_label_atom_id'            
27 5 'Structure model' '_struct_conn.ptnr2_label_comp_id'            
28 5 'Structure model' '_struct_conn.ptnr2_label_seq_id'             
29 5 'Structure model' '_struct_conn_type.id'                        
30 5 'Structure model' '_struct_site.pdbx_auth_asym_id'              
31 5 'Structure model' '_struct_site.pdbx_auth_comp_id'              
32 5 'Structure model' '_struct_site.pdbx_auth_seq_id'               
# 
_pdbx_database_status.status_code                     REL 
_pdbx_database_status.entry_id                        1FUF 
_pdbx_database_status.recvd_initial_deposition_date   2000-09-15 
_pdbx_database_status.deposit_site                    NDB 
_pdbx_database_status.process_site                    NDB 
_pdbx_database_status.status_code_sf                  REL 
_pdbx_database_status.SG_entry                        . 
_pdbx_database_status.pdb_format_compatible           Y 
_pdbx_database_status.status_code_mr                  ? 
_pdbx_database_status.status_code_cs                  ? 
_pdbx_database_status.methods_development_category    ? 
_pdbx_database_status.status_code_nmr_data            ? 
# 
loop_
_audit_author.name 
_audit_author.pdbx_ordinal 
'Deng, J.'           1 
'Xiong, Y.'          2 
'Sudarsanakumar, C.' 3 
'Shi, K.'            4 
'Sundaralingam, M.'  5 
# 
_citation.id                        primary 
_citation.title                     
;Crystal structures of two forms of a 14-mer RNA/DNA chimer duplex with double UU bulges: a novel intramolecular U*(A x U) base triple.
;
_citation.journal_abbrev            RNA 
_citation.journal_volume            7 
_citation.page_first                1425 
_citation.page_last                 1431 
_citation.year                      2001 
_citation.journal_id_ASTM           RNARFU 
_citation.country                   UK 
_citation.journal_id_ISSN           1355-8382 
_citation.journal_id_CSD            2122 
_citation.book_publisher            ? 
_citation.pdbx_database_id_PubMed   11680847 
_citation.pdbx_database_id_DOI      ? 
# 
loop_
_citation_author.citation_id 
_citation_author.name 
_citation_author.ordinal 
_citation_author.identifier_ORCID 
primary 'Deng, J.'           1 ? 
primary 'Xiong, Y.'          2 ? 
primary 'Sudarsanakumar, C.' 3 ? 
primary 'Shi, K.'            4 ? 
primary 'Sundaralingam, M.'  5 ? 
# 
loop_
_entity.id 
_entity.type 
_entity.src_method 
_entity.pdbx_description 
_entity.formula_weight 
_entity.pdbx_number_of_molecules 
_entity.pdbx_ec 
_entity.pdbx_mutation 
_entity.pdbx_fragment 
_entity.details 
1 polymer     syn "(5'-R(*GP*GP*UP*AP*UP*UP*UP*CP*GP*GP*UP*AP*(CBR)P*C)-3')" 4503.547 2  ? ? ? ? 
2 non-polymer syn 'MAGNESIUM ION'                                            24.305   1  ? ? ? ? 
3 non-polymer syn SPERMINE                                                   202.340  1  ? ? ? ? 
4 water       nat water                                                      18.015   68 ? ? ? ? 
# 
_entity_poly.entity_id                      1 
_entity_poly.type                           polyribonucleotide 
_entity_poly.nstd_linkage                   no 
_entity_poly.nstd_monomer                   yes 
_entity_poly.pdbx_seq_one_letter_code       'GGUAUUUCGGUA(CBR)C' 
_entity_poly.pdbx_seq_one_letter_code_can   GGUAUUUCGGUACC 
_entity_poly.pdbx_strand_id                 A,B 
_entity_poly.pdbx_target_identifier         ? 
# 
loop_
_pdbx_entity_nonpoly.entity_id 
_pdbx_entity_nonpoly.name 
_pdbx_entity_nonpoly.comp_id 
2 'MAGNESIUM ION' MG  
3 SPERMINE        SPM 
4 water           HOH 
# 
loop_
_entity_poly_seq.entity_id 
_entity_poly_seq.num 
_entity_poly_seq.mon_id 
_entity_poly_seq.hetero 
1 1  G   n 
1 2  G   n 
1 3  U   n 
1 4  A   n 
1 5  U   n 
1 6  U   n 
1 7  U   n 
1 8  C   n 
1 9  G   n 
1 10 G   n 
1 11 U   n 
1 12 A   n 
1 13 CBR n 
1 14 C   n 
# 
loop_
_chem_comp.id 
_chem_comp.type 
_chem_comp.mon_nstd_flag 
_chem_comp.name 
_chem_comp.pdbx_synonyms 
_chem_comp.formula 
_chem_comp.formula_weight 
A   'RNA linking' y "ADENOSINE-5'-MONOPHOSPHATE"                 ? 'C10 H14 N5 O7 P'   347.221 
C   'RNA linking' y "CYTIDINE-5'-MONOPHOSPHATE"                  ? 'C9 H14 N3 O8 P'    323.197 
CBR 'DNA linking' n "5-BROMO-2'-DEOXY-CYTIDINE-5'-MONOPHOSPHATE" ? 'C9 H13 Br N3 O7 P' 386.093 
G   'RNA linking' y "GUANOSINE-5'-MONOPHOSPHATE"                 ? 'C10 H14 N5 O8 P'   363.221 
HOH non-polymer   . WATER                                        ? 'H2 O'              18.015  
MG  non-polymer   . 'MAGNESIUM ION'                              ? 'Mg 2'              24.305  
SPM non-polymer   . SPERMINE                                     ? 'C10 H26 N4'        202.340 
U   'RNA linking' y "URIDINE-5'-MONOPHOSPHATE"                   ? 'C9 H13 N2 O9 P'    324.181 
# 
loop_
_pdbx_poly_seq_scheme.asym_id 
_pdbx_poly_seq_scheme.entity_id 
_pdbx_poly_seq_scheme.seq_id 
_pdbx_poly_seq_scheme.mon_id 
_pdbx_poly_seq_scheme.ndb_seq_num 
_pdbx_poly_seq_scheme.pdb_seq_num 
_pdbx_poly_seq_scheme.auth_seq_num 
_pdbx_poly_seq_scheme.pdb_mon_id 
_pdbx_poly_seq_scheme.auth_mon_id 
_pdbx_poly_seq_scheme.pdb_strand_id 
_pdbx_poly_seq_scheme.pdb_ins_code 
_pdbx_poly_seq_scheme.hetero 
A 1 1  G   1  1  1  G   G   A . n 
A 1 2  G   2  2  2  G   G   A . n 
A 1 3  U   3  3  3  U   U   A . n 
A 1 4  A   4  4  4  A   A   A . n 
A 1 5  U   5  5  5  U   U   A . n 
A 1 6  U   6  6  6  U   U   A . n 
A 1 7  U   7  7  7  U   U   A . n 
A 1 8  C   8  8  8  C   C   A . n 
A 1 9  G   9  9  9  G   G   A . n 
A 1 10 G   10 10 10 G   G   A . n 
A 1 11 U   11 11 11 U   U   A . n 
A 1 12 A   12 12 12 A   A   A . n 
A 1 13 CBR 13 13 13 CBR BRO A . n 
A 1 14 C   14 14 14 C   C   A . n 
B 1 1  G   1  15 15 G   G   B . n 
B 1 2  G   2  16 16 G   G   B . n 
B 1 3  U   3  17 17 U   U   B . n 
B 1 4  A   4  18 18 A   A   B . n 
B 1 5  U   5  19 19 U   U   B . n 
B 1 6  U   6  20 20 U   U   B . n 
B 1 7  U   7  21 21 U   U   B . n 
B 1 8  C   8  22 22 C   C   B . n 
B 1 9  G   9  23 23 G   G   B . n 
B 1 10 G   10 24 24 G   G   B . n 
B 1 11 U   11 25 25 U   U   B . n 
B 1 12 A   12 26 26 A   A   B . n 
B 1 13 CBR 13 27 27 CBR BRO B . n 
B 1 14 C   14 28 28 C   C   B . n 
# 
loop_
_pdbx_nonpoly_scheme.asym_id 
_pdbx_nonpoly_scheme.entity_id 
_pdbx_nonpoly_scheme.mon_id 
_pdbx_nonpoly_scheme.ndb_seq_num 
_pdbx_nonpoly_scheme.pdb_seq_num 
_pdbx_nonpoly_scheme.auth_seq_num 
_pdbx_nonpoly_scheme.pdb_mon_id 
_pdbx_nonpoly_scheme.auth_mon_id 
_pdbx_nonpoly_scheme.pdb_strand_id 
_pdbx_nonpoly_scheme.pdb_ins_code 
C 2 MG  1  97 97 MG  MG  A . 
D 3 SPM 1  98 98 SPM SPM B . 
E 4 HOH 1  30 30 HOH HOH A . 
E 4 HOH 2  31 31 HOH HOH A . 
E 4 HOH 3  34 34 HOH HOH A . 
E 4 HOH 4  35 35 HOH HOH A . 
E 4 HOH 5  36 36 HOH HOH A . 
E 4 HOH 6  38 38 HOH HOH A . 
E 4 HOH 7  39 39 HOH HOH A . 
E 4 HOH 8  40 40 HOH HOH A . 
E 4 HOH 9  43 43 HOH HOH A . 
E 4 HOH 10 44 44 HOH HOH A . 
E 4 HOH 11 48 48 HOH HOH A . 
E 4 HOH 12 50 50 HOH HOH A . 
E 4 HOH 13 53 53 HOH HOH A . 
E 4 HOH 14 54 54 HOH HOH A . 
E 4 HOH 15 56 56 HOH HOH A . 
E 4 HOH 16 57 57 HOH HOH A . 
E 4 HOH 17 58 58 HOH HOH A . 
E 4 HOH 18 62 62 HOH HOH A . 
E 4 HOH 19 63 63 HOH HOH A . 
E 4 HOH 20 64 64 HOH HOH A . 
E 4 HOH 21 65 65 HOH HOH A . 
E 4 HOH 22 66 66 HOH HOH A . 
E 4 HOH 23 67 67 HOH HOH A . 
E 4 HOH 24 69 69 HOH HOH A . 
E 4 HOH 25 70 70 HOH HOH A . 
E 4 HOH 26 71 71 HOH HOH A . 
E 4 HOH 27 72 72 HOH HOH A . 
E 4 HOH 28 73 73 HOH HOH A . 
E 4 HOH 29 74 74 HOH HOH A . 
E 4 HOH 30 78 78 HOH HOH A . 
E 4 HOH 31 79 79 HOH HOH A . 
E 4 HOH 32 80 80 HOH HOH A . 
E 4 HOH 33 84 84 HOH HOH A . 
E 4 HOH 34 86 86 HOH HOH A . 
E 4 HOH 35 88 88 HOH HOH A . 
E 4 HOH 36 92 92 HOH HOH A . 
E 4 HOH 37 93 93 HOH HOH A . 
E 4 HOH 38 96 96 HOH HOH A . 
F 4 HOH 1  29 29 HOH HOH B . 
F 4 HOH 2  32 32 HOH HOH B . 
F 4 HOH 3  33 33 HOH HOH B . 
F 4 HOH 4  37 37 HOH HOH B . 
F 4 HOH 5  41 41 HOH HOH B . 
F 4 HOH 6  42 42 HOH HOH B . 
F 4 HOH 7  45 45 HOH HOH B . 
F 4 HOH 8  46 46 HOH HOH B . 
F 4 HOH 9  47 47 HOH HOH B . 
F 4 HOH 10 49 49 HOH HOH B . 
F 4 HOH 11 51 51 HOH HOH B . 
F 4 HOH 12 52 52 HOH HOH B . 
F 4 HOH 13 55 55 HOH HOH B . 
F 4 HOH 14 59 59 HOH HOH B . 
F 4 HOH 15 60 60 HOH HOH B . 
F 4 HOH 16 61 61 HOH HOH B . 
F 4 HOH 17 68 68 HOH HOH B . 
F 4 HOH 18 75 75 HOH HOH B . 
F 4 HOH 19 76 76 HOH HOH B . 
F 4 HOH 20 77 77 HOH HOH B . 
F 4 HOH 21 81 81 HOH HOH B . 
F 4 HOH 22 82 82 HOH HOH B . 
F 4 HOH 23 83 83 HOH HOH B . 
F 4 HOH 24 85 85 HOH HOH B . 
F 4 HOH 25 87 87 HOH HOH B . 
F 4 HOH 26 89 89 HOH HOH B . 
F 4 HOH 27 90 90 HOH HOH B . 
F 4 HOH 28 91 91 HOH HOH B . 
F 4 HOH 29 94 94 HOH HOH B . 
F 4 HOH 30 95 95 HOH HOH B . 
# 
loop_
_software.name 
_software.classification 
_software.version 
_software.citation_id 
_software.pdbx_ordinal 
DENZO     'data reduction' . ? 1 
SCALEPACK 'data scaling'   . ? 2 
MLPHARE   phasing          . ? 3 
CNS       refinement       . ? 4 
# 
_cell.entry_id           1FUF 
_cell.length_a           60.060 
_cell.length_b           29.100 
_cell.length_c           52.570 
_cell.angle_alpha        90.00 
_cell.angle_beta         120.69 
_cell.angle_gamma        90.00 
_cell.Z_PDB              8 
_cell.pdbx_unique_axis   ? 
# 
_symmetry.entry_id                         1FUF 
_symmetry.space_group_name_H-M             'C 1 2 1' 
_symmetry.pdbx_full_space_group_name_H-M   ? 
_symmetry.cell_setting                     ? 
_symmetry.Int_Tables_number                5 
# 
_exptl.entry_id          1FUF 
_exptl.method            'X-RAY DIFFRACTION' 
_exptl.crystals_number   1 
# 
_exptl_crystal.id                    1 
_exptl_crystal.density_meas          ? 
_exptl_crystal.density_percent_sol   44.70 
_exptl_crystal.density_Matthews      2.22 
_exptl_crystal.description           ? 
# 
_exptl_crystal_grow.crystal_id      1 
_exptl_crystal_grow.method          'VAPOR DIFFUSION, HANGING DROP' 
_exptl_crystal_grow.pH              7.0 
_exptl_crystal_grow.temp            298.0 
_exptl_crystal_grow.temp_details    ? 
_exptl_crystal_grow.pdbx_details    
'cacodylate, magnesium chloride, spermine tetrachloride, MPD, pH 7.0, VAPOR DIFFUSION, HANGING DROP, temperature 25.0K' 
_exptl_crystal_grow.pdbx_pH_range   ? 
# 
loop_
_exptl_crystal_grow_comp.crystal_id 
_exptl_crystal_grow_comp.id 
_exptl_crystal_grow_comp.sol_id 
_exptl_crystal_grow_comp.name 
_exptl_crystal_grow_comp.conc 
_exptl_crystal_grow_comp.volume 
_exptl_crystal_grow_comp.details 
1 1 1 CACODYLATE               ? ? ? 
1 2 1 'MAGNESIUM CHLORIDE'     ? ? ? 
1 3 1 'SPERMINE TETRACHLORIDE' ? ? ? 
1 4 1 MPD                      ? ? ? 
1 5 2 MPD                      ? ? ? 
# 
_diffrn.id                     1 
_diffrn.ambient_temp           100 
_diffrn.ambient_temp_details   ? 
_diffrn.crystal_id             1 
# 
_diffrn_detector.diffrn_id              1 
_diffrn_detector.detector               CCD 
_diffrn_detector.type                   ? 
_diffrn_detector.pdbx_collection_date   2000-04-13 
_diffrn_detector.details                ? 
# 
_diffrn_radiation.diffrn_id                        1 
_diffrn_radiation.wavelength_id                    1 
_diffrn_radiation.monochromator                    ? 
_diffrn_radiation.pdbx_monochromatic_or_laue_m_l   M 
_diffrn_radiation.pdbx_diffrn_protocol             'SINGLE WAVELENGTH' 
_diffrn_radiation.pdbx_scattering_type             x-ray 
# 
_diffrn_radiation_wavelength.id           1 
_diffrn_radiation_wavelength.wavelength   0.9196 
_diffrn_radiation_wavelength.wt           1.0 
# 
_diffrn_source.diffrn_id                   1 
_diffrn_source.source                      SYNCHROTRON 
_diffrn_source.type                        'NSLS BEAMLINE X4A' 
_diffrn_source.pdbx_wavelength             0.9196 
_diffrn_source.pdbx_synchrotron_site       NSLS 
_diffrn_source.pdbx_synchrotron_beamline   X4A 
_diffrn_source.pdbx_wavelength_list        ? 
# 
_reflns.entry_id                     1FUF 
_reflns.observed_criterion_sigma_I   ? 
_reflns.observed_criterion_sigma_F   2 
_reflns.d_resolution_low             25 
_reflns.d_resolution_high            1.7 
_reflns.number_obs                   8740 
_reflns.number_all                   ? 
_reflns.percent_possible_obs         98.3 
_reflns.pdbx_Rmerge_I_obs            0.05 
_reflns.pdbx_Rsym_value              ? 
_reflns.pdbx_netI_over_sigmaI        21.7 
_reflns.B_iso_Wilson_estimate        24.23 
_reflns.pdbx_redundancy              2 
_reflns.R_free_details               ? 
_reflns.pdbx_diffrn_id               1 
_reflns.pdbx_ordinal                 1 
# 
_reflns_shell.d_res_high             1.70 
_reflns_shell.d_res_low              1.76 
_reflns_shell.percent_possible_obs   ? 
_reflns_shell.percent_possible_all   88.5 
_reflns_shell.Rmerge_I_obs           0.213 
_reflns_shell.meanI_over_sigI_obs    ? 
_reflns_shell.pdbx_Rsym_value        ? 
_reflns_shell.pdbx_redundancy        ? 
_reflns_shell.number_unique_all      1546 
_reflns_shell.pdbx_diffrn_id         ? 
_reflns_shell.pdbx_ordinal           1 
# 
_refine.entry_id                                 1FUF 
_refine.ls_number_reflns_obs                     8549 
_refine.ls_number_reflns_all                     8737 
_refine.pdbx_ls_sigma_I                          ? 
_refine.pdbx_ls_sigma_F                          2 
_refine.pdbx_data_cutoff_high_absF               ? 
_refine.pdbx_data_cutoff_low_absF                ? 
_refine.ls_d_res_low                             10 
_refine.ls_d_res_high                            1.7 
_refine.ls_percent_reflns_obs                    97.8 
_refine.ls_R_factor_obs                          ? 
_refine.ls_R_factor_all                          ? 
_refine.ls_R_factor_R_work                       0.199 
_refine.ls_R_factor_R_free                       0.227 
_refine.ls_R_factor_R_free_error                 ? 
_refine.ls_R_factor_R_free_error_details         ? 
_refine.ls_percent_reflns_R_free                 ? 
_refine.ls_number_reflns_R_free                  906 
_refine.ls_number_parameters                     ? 
_refine.ls_number_restraints                     ? 
_refine.occupancy_min                            ? 
_refine.occupancy_max                            ? 
_refine.B_iso_mean                               ? 
_refine.aniso_B[1][1]                            ? 
_refine.aniso_B[2][2]                            ? 
_refine.aniso_B[3][3]                            ? 
_refine.aniso_B[1][2]                            ? 
_refine.aniso_B[1][3]                            ? 
_refine.aniso_B[2][3]                            ? 
_refine.solvent_model_details                    ? 
_refine.solvent_model_param_ksol                 ? 
_refine.solvent_model_param_bsol                 ? 
_refine.pdbx_ls_cross_valid_method               ? 
_refine.details                                  ? 
_refine.pdbx_starting_model                      ? 
_refine.pdbx_method_to_determine_struct          ? 
_refine.pdbx_isotropic_thermal_model             ? 
_refine.pdbx_stereochemistry_target_values       ? 
_refine.pdbx_stereochem_target_val_spec_case     ? 
_refine.pdbx_R_Free_selection_details            RANDOM 
_refine.pdbx_overall_ESU_R_Free                  ? 
_refine.overall_SU_B                             ? 
_refine.ls_redundancy_reflns_obs                 ? 
_refine.overall_SU_ML                            ? 
_refine.pdbx_overall_ESU_R                       ? 
_refine.pdbx_data_cutoff_high_rms_absF           ? 
_refine.correlation_coeff_Fo_to_Fc               ? 
_refine.correlation_coeff_Fo_to_Fc_free          ? 
_refine.overall_SU_R_Cruickshank_DPI             ? 
_refine.overall_SU_R_free                        ? 
_refine.pdbx_refine_id                           'X-RAY DIFFRACTION' 
_refine.pdbx_diffrn_id                           1 
_refine.pdbx_TLS_residual_ADP_flag               ? 
_refine.pdbx_solvent_vdw_probe_radii             ? 
_refine.pdbx_solvent_ion_probe_radii             ? 
_refine.pdbx_solvent_shrinkage_radii             ? 
_refine.pdbx_overall_phase_error                 ? 
_refine.pdbx_overall_SU_R_free_Cruickshank_DPI   ? 
_refine.pdbx_overall_SU_R_Blow_DPI               ? 
_refine.pdbx_overall_SU_R_free_Blow_DPI          ? 
# 
_refine_hist.pdbx_refine_id                   'X-RAY DIFFRACTION' 
_refine_hist.cycle_id                         LAST 
_refine_hist.pdbx_number_atoms_protein        0 
_refine_hist.pdbx_number_atoms_nucleic_acid   584 
_refine_hist.pdbx_number_atoms_ligand         17 
_refine_hist.number_atoms_solvent             68 
_refine_hist.number_atoms_total               669 
_refine_hist.d_res_high                       1.7 
_refine_hist.d_res_low                        10 
# 
loop_
_refine_ls_restr.type 
_refine_ls_restr.dev_ideal 
_refine_ls_restr.dev_ideal_target 
_refine_ls_restr.weight 
_refine_ls_restr.number 
_refine_ls_restr.pdbx_refine_id 
_refine_ls_restr.pdbx_restraint_function 
c_bond_d    0.00918 ? ? ? 'X-RAY DIFFRACTION' ? 
c_angle_deg 1.91    ? ? ? 'X-RAY DIFFRACTION' ? 
# 
_struct.entry_id                  1FUF 
_struct.title                     
'CRYSTAL STRUCTURE OF A 14BP RNA OLIGONUCLEOTIDE CONTAINING DOUBLE UU BULGES: A NOVEL INTRAMOLECULAR U*(AU) BASE TRIPLE' 
_struct.pdbx_model_details        ? 
_struct.pdbx_CASP_flag            ? 
_struct.pdbx_model_type_details   ? 
# 
_struct_keywords.entry_id        1FUF 
_struct_keywords.pdbx_keywords   RNA 
_struct_keywords.text            'bulge, base triple, RNA, crystal' 
# 
loop_
_struct_asym.id 
_struct_asym.pdbx_blank_PDB_chainid_flag 
_struct_asym.pdbx_modified 
_struct_asym.entity_id 
_struct_asym.details 
A N N 1 ? 
B N N 1 ? 
C N N 2 ? 
D N N 3 ? 
E N N 4 ? 
F N N 4 ? 
# 
_struct_ref.id                         1 
_struct_ref.entity_id                  1 
_struct_ref.db_name                    PDB 
_struct_ref.db_code                    1FUF 
_struct_ref.pdbx_db_accession          1FUF 
_struct_ref.pdbx_db_isoform            ? 
_struct_ref.pdbx_seq_one_letter_code   ? 
_struct_ref.pdbx_align_begin           ? 
# 
loop_
_struct_ref_seq.align_id 
_struct_ref_seq.ref_id 
_struct_ref_seq.pdbx_PDB_id_code 
_struct_ref_seq.pdbx_strand_id 
_struct_ref_seq.seq_align_beg 
_struct_ref_seq.pdbx_seq_align_beg_ins_code 
_struct_ref_seq.seq_align_end 
_struct_ref_seq.pdbx_seq_align_end_ins_code 
_struct_ref_seq.pdbx_db_accession 
_struct_ref_seq.db_align_beg 
_struct_ref_seq.pdbx_db_align_beg_ins_code 
_struct_ref_seq.db_align_end 
_struct_ref_seq.pdbx_db_align_end_ins_code 
_struct_ref_seq.pdbx_auth_seq_align_beg 
_struct_ref_seq.pdbx_auth_seq_align_end 
1 1 1FUF A 1 ? 14 ? 1FUF 1  ? 14 ? 1  14 
2 1 1FUF B 1 ? 14 ? 1FUF 15 ? 28 ? 15 28 
# 
_pdbx_struct_assembly.id                   1 
_pdbx_struct_assembly.details              author_defined_assembly 
_pdbx_struct_assembly.method_details       ? 
_pdbx_struct_assembly.oligomeric_details   dimeric 
_pdbx_struct_assembly.oligomeric_count     2 
# 
_pdbx_struct_assembly_gen.assembly_id       1 
_pdbx_struct_assembly_gen.oper_expression   1 
_pdbx_struct_assembly_gen.asym_id_list      A,B,C,D,E,F 
# 
_pdbx_struct_oper_list.id                   1 
_pdbx_struct_oper_list.type                 'identity operation' 
_pdbx_struct_oper_list.name                 1_555 
_pdbx_struct_oper_list.symmetry_operation   x,y,z 
_pdbx_struct_oper_list.matrix[1][1]         1.0000000000 
_pdbx_struct_oper_list.matrix[1][2]         0.0000000000 
_pdbx_struct_oper_list.matrix[1][3]         0.0000000000 
_pdbx_struct_oper_list.vector[1]            0.0000000000 
_pdbx_struct_oper_list.matrix[2][1]         0.0000000000 
_pdbx_struct_oper_list.matrix[2][2]         1.0000000000 
_pdbx_struct_oper_list.matrix[2][3]         0.0000000000 
_pdbx_struct_oper_list.vector[2]            0.0000000000 
_pdbx_struct_oper_list.matrix[3][1]         0.0000000000 
_pdbx_struct_oper_list.matrix[3][2]         0.0000000000 
_pdbx_struct_oper_list.matrix[3][3]         1.0000000000 
_pdbx_struct_oper_list.vector[3]            0.0000000000 
# 
loop_
_struct_conn.id 
_struct_conn.conn_type_id 
_struct_conn.pdbx_leaving_atom_flag 
_struct_conn.pdbx_PDB_id 
_struct_conn.ptnr1_label_asym_id 
_struct_conn.ptnr1_label_comp_id 
_struct_conn.ptnr1_label_seq_id 
_struct_conn.ptnr1_label_atom_id 
_struct_conn.pdbx_ptnr1_label_alt_id 
_struct_conn.pdbx_ptnr1_PDB_ins_code 
_struct_conn.pdbx_ptnr1_standard_comp_id 
_struct_conn.ptnr1_symmetry 
_struct_conn.ptnr2_label_asym_id 
_struct_conn.ptnr2_label_comp_id 
_struct_conn.ptnr2_label_seq_id 
_struct_conn.ptnr2_label_atom_id 
_struct_conn.pdbx_ptnr2_label_alt_id 
_struct_conn.pdbx_ptnr2_PDB_ins_code 
_struct_conn.ptnr1_auth_asym_id 
_struct_conn.ptnr1_auth_comp_id 
_struct_conn.ptnr1_auth_seq_id 
_struct_conn.ptnr2_auth_asym_id 
_struct_conn.ptnr2_auth_comp_id 
_struct_conn.ptnr2_auth_seq_id 
_struct_conn.ptnr2_symmetry 
_struct_conn.pdbx_ptnr3_label_atom_id 
_struct_conn.pdbx_ptnr3_label_seq_id 
_struct_conn.pdbx_ptnr3_label_comp_id 
_struct_conn.pdbx_ptnr3_label_asym_id 
_struct_conn.pdbx_ptnr3_label_alt_id 
_struct_conn.pdbx_ptnr3_PDB_ins_code 
_struct_conn.details 
_struct_conn.pdbx_dist_value 
_struct_conn.pdbx_value_order 
_struct_conn.pdbx_role 
covale1  covale both ? A A   12 "O3'" ? ? ? 1_555 A CBR 13 P  ? ? A A   12 A CBR 13 1_555 ? ? ? ? ? ? ?                    1.612 ? 
? 
covale2  covale both ? A CBR 13 "O3'" ? ? ? 1_555 A C   14 P  ? ? A CBR 13 A C   14 1_555 ? ? ? ? ? ? ?                    1.605 ? 
? 
covale3  covale both ? B A   12 "O3'" ? ? ? 1_555 B CBR 13 P  ? ? B A   26 B CBR 27 1_555 ? ? ? ? ? ? ?                    1.608 ? 
? 
covale4  covale both ? B CBR 13 "O3'" ? ? ? 1_555 B C   14 P  ? ? B CBR 27 B C   28 1_555 ? ? ? ? ? ? ?                    1.597 ? 
? 
metalc1  metalc ?    ? E HOH .  O     ? ? ? 1_555 C MG  .  MG ? ? A HOH 92 A MG  97 1_555 ? ? ? ? ? ? ?                    2.470 ? 
? 
metalc2  metalc ?    ? E HOH .  O     ? ? ? 1_555 C MG  .  MG ? ? A HOH 93 A MG  97 1_555 ? ? ? ? ? ? ?                    1.901 ? 
? 
metalc3  metalc ?    ? E HOH .  O     ? ? ? 1_555 C MG  .  MG ? ? A HOH 96 A MG  97 1_555 ? ? ? ? ? ? ?                    2.192 ? 
? 
metalc4  metalc ?    ? C MG  .  MG    ? ? ? 1_555 F HOH .  O  ? ? A MG  97 B HOH 94 1_555 ? ? ? ? ? ? ?                    2.059 ? 
? 
metalc5  metalc ?    ? C MG  .  MG    ? ? ? 1_555 F HOH .  O  ? ? A MG  97 B HOH 95 1_555 ? ? ? ? ? ? ?                    1.944 ? 
? 
hydrog1  hydrog ?    ? A G   1  N1    ? ? ? 1_555 B C   14 N3 ? ? A G   1  B C   28 1_555 ? ? ? ? ? ? WATSON-CRICK         ?     ? 
? 
hydrog2  hydrog ?    ? A G   1  N2    ? ? ? 1_555 B C   14 O2 ? ? A G   1  B C   28 1_555 ? ? ? ? ? ? WATSON-CRICK         ?     ? 
? 
hydrog3  hydrog ?    ? A G   1  O6    ? ? ? 1_555 B C   14 N4 ? ? A G   1  B C   28 1_555 ? ? ? ? ? ? WATSON-CRICK         ?     ? 
? 
hydrog4  hydrog ?    ? A G   2  N1    ? ? ? 1_555 B CBR 13 N3 ? ? A G   2  B CBR 27 1_555 ? ? ? ? ? ? WATSON-CRICK         ?     ? 
? 
hydrog5  hydrog ?    ? A G   2  N2    ? ? ? 1_555 B CBR 13 O2 ? ? A G   2  B CBR 27 1_555 ? ? ? ? ? ? WATSON-CRICK         ?     ? 
? 
hydrog6  hydrog ?    ? A G   2  O6    ? ? ? 1_555 B CBR 13 N4 ? ? A G   2  B CBR 27 1_555 ? ? ? ? ? ? WATSON-CRICK         ?     ? 
? 
hydrog7  hydrog ?    ? A U   3  N3    ? ? ? 1_555 B A   12 N1 ? ? A U   3  B A   26 1_555 ? ? ? ? ? ? WATSON-CRICK         ?     ? 
? 
hydrog8  hydrog ?    ? A U   3  O4    ? ? ? 1_555 B A   12 N6 ? ? A U   3  B A   26 1_555 ? ? ? ? ? ? WATSON-CRICK         ?     ? 
? 
hydrog9  hydrog ?    ? A A   4  N6    ? ? ? 1_555 B U   6  O2 ? ? A A   4  B U   20 1_555 ? ? ? ? ? ? 'REVERSED HOOGSTEEN' ?     ? 
? 
hydrog10 hydrog ?    ? A A   4  N7    ? ? ? 1_555 B U   6  N3 ? ? A A   4  B U   20 1_555 ? ? ? ? ? ? 'REVERSED HOOGSTEEN' ?     ? 
? 
hydrog11 hydrog ?    ? A A   4  N1    ? ? ? 1_555 B U   11 N3 ? ? A A   4  B U   25 1_555 ? ? ? ? ? ? WATSON-CRICK         ?     ? 
? 
hydrog12 hydrog ?    ? A A   4  N6    ? ? ? 1_555 B U   11 O4 ? ? A A   4  B U   25 1_555 ? ? ? ? ? ? WATSON-CRICK         ?     ? 
? 
hydrog13 hydrog ?    ? A U   5  N3    ? ? ? 1_555 B G   10 O6 ? ? A U   5  B G   24 1_555 ? ? ? ? ? ? TYPE_28_PAIR         ?     ? 
? 
hydrog14 hydrog ?    ? A U   5  O2    ? ? ? 1_555 B G   10 N1 ? ? A U   5  B G   24 1_555 ? ? ? ? ? ? TYPE_28_PAIR         ?     ? 
? 
hydrog15 hydrog ?    ? A U   6  N3    ? ? ? 1_555 B A   4  N7 ? ? A U   6  B A   18 1_555 ? ? ? ? ? ? 'REVERSED HOOGSTEEN' ?     ? 
? 
hydrog16 hydrog ?    ? A U   6  O2    ? ? ? 1_555 B A   4  N6 ? ? A U   6  B A   18 1_555 ? ? ? ? ? ? 'REVERSED HOOGSTEEN' ?     ? 
? 
hydrog17 hydrog ?    ? A C   8  N3    ? ? ? 1_555 B G   9  N1 ? ? A C   8  B G   23 1_555 ? ? ? ? ? ? WATSON-CRICK         ?     ? 
? 
hydrog18 hydrog ?    ? A C   8  N4    ? ? ? 1_555 B G   9  O6 ? ? A C   8  B G   23 1_555 ? ? ? ? ? ? WATSON-CRICK         ?     ? 
? 
hydrog19 hydrog ?    ? A C   8  O2    ? ? ? 1_555 B G   9  N2 ? ? A C   8  B G   23 1_555 ? ? ? ? ? ? WATSON-CRICK         ?     ? 
? 
hydrog20 hydrog ?    ? A G   9  N1    ? ? ? 1_555 B C   8  N3 ? ? A G   9  B C   22 1_555 ? ? ? ? ? ? WATSON-CRICK         ?     ? 
? 
hydrog21 hydrog ?    ? A G   9  N2    ? ? ? 1_555 B C   8  O2 ? ? A G   9  B C   22 1_555 ? ? ? ? ? ? WATSON-CRICK         ?     ? 
? 
hydrog22 hydrog ?    ? A G   9  O6    ? ? ? 1_555 B C   8  N4 ? ? A G   9  B C   22 1_555 ? ? ? ? ? ? WATSON-CRICK         ?     ? 
? 
hydrog23 hydrog ?    ? A G   10 N1    ? ? ? 1_555 B U   5  O2 ? ? A G   10 B U   19 1_555 ? ? ? ? ? ? TYPE_28_PAIR         ?     ? 
? 
hydrog24 hydrog ?    ? A G   10 O6    ? ? ? 1_555 B U   5  N3 ? ? A G   10 B U   19 1_555 ? ? ? ? ? ? TYPE_28_PAIR         ?     ? 
? 
hydrog25 hydrog ?    ? A U   11 N3    ? ? ? 1_555 B A   4  N1 ? ? A U   11 B A   18 1_555 ? ? ? ? ? ? WATSON-CRICK         ?     ? 
? 
hydrog26 hydrog ?    ? A U   11 O4    ? ? ? 1_555 B A   4  N6 ? ? A U   11 B A   18 1_555 ? ? ? ? ? ? WATSON-CRICK         ?     ? 
? 
hydrog27 hydrog ?    ? A A   12 N1    ? ? ? 1_555 B U   3  N3 ? ? A A   12 B U   17 1_555 ? ? ? ? ? ? WATSON-CRICK         ?     ? 
? 
hydrog28 hydrog ?    ? A A   12 N6    ? ? ? 1_555 B U   3  O4 ? ? A A   12 B U   17 1_555 ? ? ? ? ? ? WATSON-CRICK         ?     ? 
? 
hydrog29 hydrog ?    ? A CBR 13 N3    ? ? ? 1_555 B G   2  N1 ? ? A CBR 13 B G   16 1_555 ? ? ? ? ? ? WATSON-CRICK         ?     ? 
? 
hydrog30 hydrog ?    ? A CBR 13 N4    ? ? ? 1_555 B G   2  O6 ? ? A CBR 13 B G   16 1_555 ? ? ? ? ? ? WATSON-CRICK         ?     ? 
? 
hydrog31 hydrog ?    ? A CBR 13 O2    ? ? ? 1_555 B G   2  N2 ? ? A CBR 13 B G   16 1_555 ? ? ? ? ? ? WATSON-CRICK         ?     ? 
? 
hydrog32 hydrog ?    ? A C   14 N3    ? ? ? 1_555 B G   1  N1 ? ? A C   14 B G   15 1_555 ? ? ? ? ? ? WATSON-CRICK         ?     ? 
? 
hydrog33 hydrog ?    ? A C   14 N4    ? ? ? 1_555 B G   1  O6 ? ? A C   14 B G   15 1_555 ? ? ? ? ? ? WATSON-CRICK         ?     ? 
? 
hydrog34 hydrog ?    ? A C   14 O2    ? ? ? 1_555 B G   1  N2 ? ? A C   14 B G   15 1_555 ? ? ? ? ? ? WATSON-CRICK         ?     ? 
? 
# 
loop_
_struct_conn_type.id 
_struct_conn_type.criteria 
_struct_conn_type.reference 
covale ? ? 
metalc ? ? 
hydrog ? ? 
# 
loop_
_pdbx_struct_conn_angle.id 
_pdbx_struct_conn_angle.ptnr1_label_atom_id 
_pdbx_struct_conn_angle.ptnr1_label_alt_id 
_pdbx_struct_conn_angle.ptnr1_label_asym_id 
_pdbx_struct_conn_angle.ptnr1_label_comp_id 
_pdbx_struct_conn_angle.ptnr1_label_seq_id 
_pdbx_struct_conn_angle.ptnr1_auth_atom_id 
_pdbx_struct_conn_angle.ptnr1_auth_asym_id 
_pdbx_struct_conn_angle.ptnr1_auth_comp_id 
_pdbx_struct_conn_angle.ptnr1_auth_seq_id 
_pdbx_struct_conn_angle.ptnr1_PDB_ins_code 
_pdbx_struct_conn_angle.ptnr1_symmetry 
_pdbx_struct_conn_angle.ptnr2_label_atom_id 
_pdbx_struct_conn_angle.ptnr2_label_alt_id 
_pdbx_struct_conn_angle.ptnr2_label_asym_id 
_pdbx_struct_conn_angle.ptnr2_label_comp_id 
_pdbx_struct_conn_angle.ptnr2_label_seq_id 
_pdbx_struct_conn_angle.ptnr2_auth_atom_id 
_pdbx_struct_conn_angle.ptnr2_auth_asym_id 
_pdbx_struct_conn_angle.ptnr2_auth_comp_id 
_pdbx_struct_conn_angle.ptnr2_auth_seq_id 
_pdbx_struct_conn_angle.ptnr2_PDB_ins_code 
_pdbx_struct_conn_angle.ptnr2_symmetry 
_pdbx_struct_conn_angle.ptnr3_label_atom_id 
_pdbx_struct_conn_angle.ptnr3_label_alt_id 
_pdbx_struct_conn_angle.ptnr3_label_asym_id 
_pdbx_struct_conn_angle.ptnr3_label_comp_id 
_pdbx_struct_conn_angle.ptnr3_label_seq_id 
_pdbx_struct_conn_angle.ptnr3_auth_atom_id 
_pdbx_struct_conn_angle.ptnr3_auth_asym_id 
_pdbx_struct_conn_angle.ptnr3_auth_comp_id 
_pdbx_struct_conn_angle.ptnr3_auth_seq_id 
_pdbx_struct_conn_angle.ptnr3_PDB_ins_code 
_pdbx_struct_conn_angle.ptnr3_symmetry 
_pdbx_struct_conn_angle.value 
_pdbx_struct_conn_angle.value_esd 
1  O ? E HOH . ? A HOH 92 ? 1_555 MG ? C MG . ? A MG 97 ? 1_555 O ? E HOH . ? A HOH 93 ? 1_555 78.1  ? 
2  O ? E HOH . ? A HOH 92 ? 1_555 MG ? C MG . ? A MG 97 ? 1_555 O ? E HOH . ? A HOH 96 ? 1_555 95.3  ? 
3  O ? E HOH . ? A HOH 93 ? 1_555 MG ? C MG . ? A MG 97 ? 1_555 O ? E HOH . ? A HOH 96 ? 1_555 99.6  ? 
4  O ? E HOH . ? A HOH 92 ? 1_555 MG ? C MG . ? A MG 97 ? 1_555 O ? F HOH . ? B HOH 94 ? 1_555 171.5 ? 
5  O ? E HOH . ? A HOH 93 ? 1_555 MG ? C MG . ? A MG 97 ? 1_555 O ? F HOH . ? B HOH 94 ? 1_555 109.7 ? 
6  O ? E HOH . ? A HOH 96 ? 1_555 MG ? C MG . ? A MG 97 ? 1_555 O ? F HOH . ? B HOH 94 ? 1_555 80.3  ? 
7  O ? E HOH . ? A HOH 92 ? 1_555 MG ? C MG . ? A MG 97 ? 1_555 O ? F HOH . ? B HOH 95 ? 1_555 89.3  ? 
8  O ? E HOH . ? A HOH 93 ? 1_555 MG ? C MG . ? A MG 97 ? 1_555 O ? F HOH . ? B HOH 95 ? 1_555 164.7 ? 
9  O ? E HOH . ? A HOH 96 ? 1_555 MG ? C MG . ? A MG 97 ? 1_555 O ? F HOH . ? B HOH 95 ? 1_555 90.2  ? 
10 O ? F HOH . ? B HOH 94 ? 1_555 MG ? C MG . ? A MG 97 ? 1_555 O ? F HOH . ? B HOH 95 ? 1_555 83.4  ? 
# 
loop_
_struct_site.id 
_struct_site.pdbx_evidence_code 
_struct_site.pdbx_auth_asym_id 
_struct_site.pdbx_auth_comp_id 
_struct_site.pdbx_auth_seq_id 
_struct_site.pdbx_auth_ins_code 
_struct_site.pdbx_num_residues 
_struct_site.details 
AC1 Software A MG  97 ? 5  'BINDING SITE FOR RESIDUE MG A 97'  
AC2 Software B SPM 98 ? 16 'BINDING SITE FOR RESIDUE SPM B 98' 
# 
loop_
_struct_site_gen.id 
_struct_site_gen.site_id 
_struct_site_gen.pdbx_num_res 
_struct_site_gen.label_comp_id 
_struct_site_gen.label_asym_id 
_struct_site_gen.label_seq_id 
_struct_site_gen.pdbx_auth_ins_code 
_struct_site_gen.auth_comp_id 
_struct_site_gen.auth_asym_id 
_struct_site_gen.auth_seq_id 
_struct_site_gen.label_atom_id 
_struct_site_gen.label_alt_id 
_struct_site_gen.symmetry 
_struct_site_gen.details 
1  AC1 5  HOH E .  ? HOH A 92 . ? 1_555 ? 
2  AC1 5  HOH E .  ? HOH A 93 . ? 1_555 ? 
3  AC1 5  HOH E .  ? HOH A 96 . ? 1_555 ? 
4  AC1 5  HOH F .  ? HOH B 94 . ? 1_555 ? 
5  AC1 5  HOH F .  ? HOH B 95 . ? 1_555 ? 
6  AC2 16 A   A 4  ? A   A 4  . ? 1_555 ? 
7  AC2 16 U   A 5  ? U   A 5  . ? 1_555 ? 
8  AC2 16 U   A 6  ? U   A 6  . ? 1_555 ? 
9  AC2 16 C   A 8  ? C   A 8  . ? 1_555 ? 
10 AC2 16 G   A 9  ? G   A 9  . ? 1_555 ? 
11 AC2 16 G   A 10 ? G   A 10 . ? 1_555 ? 
12 AC2 16 U   A 11 ? U   A 11 . ? 1_555 ? 
13 AC2 16 A   B 4  ? A   B 18 . ? 1_555 ? 
14 AC2 16 U   B 5  ? U   B 19 . ? 1_555 ? 
15 AC2 16 U   B 6  ? U   B 20 . ? 1_555 ? 
16 AC2 16 C   B 8  ? C   B 22 . ? 1_555 ? 
17 AC2 16 G   B 9  ? G   B 23 . ? 1_555 ? 
18 AC2 16 G   B 10 ? G   B 24 . ? 1_555 ? 
19 AC2 16 U   B 11 ? U   B 25 . ? 1_555 ? 
20 AC2 16 HOH F .  ? HOH B 33 . ? 1_555 ? 
21 AC2 16 HOH F .  ? HOH B 59 . ? 1_555 ? 
# 
loop_
_pdbx_validate_rmsd_angle.id 
_pdbx_validate_rmsd_angle.PDB_model_num 
_pdbx_validate_rmsd_angle.auth_atom_id_1 
_pdbx_validate_rmsd_angle.auth_asym_id_1 
_pdbx_validate_rmsd_angle.auth_comp_id_1 
_pdbx_validate_rmsd_angle.auth_seq_id_1 
_pdbx_validate_rmsd_angle.PDB_ins_code_1 
_pdbx_validate_rmsd_angle.label_alt_id_1 
_pdbx_validate_rmsd_angle.auth_atom_id_2 
_pdbx_validate_rmsd_angle.auth_asym_id_2 
_pdbx_validate_rmsd_angle.auth_comp_id_2 
_pdbx_validate_rmsd_angle.auth_seq_id_2 
_pdbx_validate_rmsd_angle.PDB_ins_code_2 
_pdbx_validate_rmsd_angle.label_alt_id_2 
_pdbx_validate_rmsd_angle.auth_atom_id_3 
_pdbx_validate_rmsd_angle.auth_asym_id_3 
_pdbx_validate_rmsd_angle.auth_comp_id_3 
_pdbx_validate_rmsd_angle.auth_seq_id_3 
_pdbx_validate_rmsd_angle.PDB_ins_code_3 
_pdbx_validate_rmsd_angle.label_alt_id_3 
_pdbx_validate_rmsd_angle.angle_value 
_pdbx_validate_rmsd_angle.angle_target_value 
_pdbx_validate_rmsd_angle.angle_deviation 
_pdbx_validate_rmsd_angle.angle_standard_deviation 
_pdbx_validate_rmsd_angle.linker_flag 
1 1 "C2'" A U 7 ? ? "C3'" A U 7 ? ? "O3'" A U 7 ? ? 127.88 113.70 14.18  1.60 N 
2 1 "C4'" A U 7 ? ? "C3'" A U 7 ? ? "C2'" A U 7 ? ? 94.39  102.60 -8.21  1.00 N 
3 1 "C3'" A U 7 ? ? "C2'" A U 7 ? ? "C1'" A U 7 ? ? 106.51 101.50 5.01   0.80 N 
4 1 "O4'" A U 7 ? ? "C1'" A U 7 ? ? "C2'" A U 7 ? ? 96.38  105.80 -9.42  1.00 N 
5 1 N1    A U 7 ? ? "C1'" A U 7 ? ? "C2'" A U 7 ? ? 105.12 112.00 -6.88  1.10 N 
6 1 "C1'" A U 7 ? ? "C2'" A U 7 ? ? "O2'" A U 7 ? ? 128.68 110.60 18.08  3.00 N 
7 1 "C3'" A U 7 ? ? "C2'" A U 7 ? ? "O2'" A U 7 ? ? 95.65  113.30 -17.65 2.90 N 
# 
loop_
_pdbx_validate_planes.id 
_pdbx_validate_planes.PDB_model_num 
_pdbx_validate_planes.auth_comp_id 
_pdbx_validate_planes.auth_asym_id 
_pdbx_validate_planes.auth_seq_id 
_pdbx_validate_planes.PDB_ins_code 
_pdbx_validate_planes.label_alt_id 
_pdbx_validate_planes.rmsd 
_pdbx_validate_planes.type 
1 1 U A 7  ? ? 0.068 'SIDE CHAIN' 
2 1 U B 20 ? ? 0.074 'SIDE CHAIN' 
# 
loop_
_pdbx_struct_mod_residue.id 
_pdbx_struct_mod_residue.label_asym_id 
_pdbx_struct_mod_residue.label_comp_id 
_pdbx_struct_mod_residue.label_seq_id 
_pdbx_struct_mod_residue.auth_asym_id 
_pdbx_struct_mod_residue.auth_comp_id 
_pdbx_struct_mod_residue.auth_seq_id 
_pdbx_struct_mod_residue.PDB_ins_code 
_pdbx_struct_mod_residue.parent_comp_id 
_pdbx_struct_mod_residue.details 
1 A CBR 13 A CBR 13 ? DC ? 
2 B CBR 13 B CBR 27 ? DC ? 
# 
loop_
_chem_comp_atom.comp_id 
_chem_comp_atom.atom_id 
_chem_comp_atom.type_symbol 
_chem_comp_atom.pdbx_aromatic_flag 
_chem_comp_atom.pdbx_stereo_config 
_chem_comp_atom.pdbx_ordinal 
A   OP3    O  N N 1   
A   P      P  N N 2   
A   OP1    O  N N 3   
A   OP2    O  N N 4   
A   "O5'"  O  N N 5   
A   "C5'"  C  N N 6   
A   "C4'"  C  N R 7   
A   "O4'"  O  N N 8   
A   "C3'"  C  N S 9   
A   "O3'"  O  N N 10  
A   "C2'"  C  N R 11  
A   "O2'"  O  N N 12  
A   "C1'"  C  N R 13  
A   N9     N  Y N 14  
A   C8     C  Y N 15  
A   N7     N  Y N 16  
A   C5     C  Y N 17  
A   C6     C  Y N 18  
A   N6     N  N N 19  
A   N1     N  Y N 20  
A   C2     C  Y N 21  
A   N3     N  Y N 22  
A   C4     C  Y N 23  
A   HOP3   H  N N 24  
A   HOP2   H  N N 25  
A   "H5'"  H  N N 26  
A   "H5''" H  N N 27  
A   "H4'"  H  N N 28  
A   "H3'"  H  N N 29  
A   "HO3'" H  N N 30  
A   "H2'"  H  N N 31  
A   "HO2'" H  N N 32  
A   "H1'"  H  N N 33  
A   H8     H  N N 34  
A   H61    H  N N 35  
A   H62    H  N N 36  
A   H2     H  N N 37  
C   OP3    O  N N 38  
C   P      P  N N 39  
C   OP1    O  N N 40  
C   OP2    O  N N 41  
C   "O5'"  O  N N 42  
C   "C5'"  C  N N 43  
C   "C4'"  C  N R 44  
C   "O4'"  O  N N 45  
C   "C3'"  C  N S 46  
C   "O3'"  O  N N 47  
C   "C2'"  C  N R 48  
C   "O2'"  O  N N 49  
C   "C1'"  C  N R 50  
C   N1     N  N N 51  
C   C2     C  N N 52  
C   O2     O  N N 53  
C   N3     N  N N 54  
C   C4     C  N N 55  
C   N4     N  N N 56  
C   C5     C  N N 57  
C   C6     C  N N 58  
C   HOP3   H  N N 59  
C   HOP2   H  N N 60  
C   "H5'"  H  N N 61  
C   "H5''" H  N N 62  
C   "H4'"  H  N N 63  
C   "H3'"  H  N N 64  
C   "HO3'" H  N N 65  
C   "H2'"  H  N N 66  
C   "HO2'" H  N N 67  
C   "H1'"  H  N N 68  
C   H41    H  N N 69  
C   H42    H  N N 70  
C   H5     H  N N 71  
C   H6     H  N N 72  
CBR BR     BR N N 73  
CBR P      P  N N 74  
CBR OP1    O  N N 75  
CBR OP2    O  N N 76  
CBR "O5'"  O  N N 77  
CBR N1     N  N N 78  
CBR C6     C  N N 79  
CBR C2     C  N N 80  
CBR O2     O  N N 81  
CBR N3     N  N N 82  
CBR C4     C  N N 83  
CBR N4     N  N N 84  
CBR C5     C  N N 85  
CBR "C2'"  C  N N 86  
CBR "C5'"  C  N N 87  
CBR "C4'"  C  N R 88  
CBR "O4'"  O  N N 89  
CBR "C1'"  C  N R 90  
CBR "C3'"  C  N S 91  
CBR "O3'"  O  N N 92  
CBR OP3    O  N N 93  
CBR HOP2   H  N N 94  
CBR H6     H  N N 95  
CBR H41    H  N N 96  
CBR H42    H  N N 97  
CBR "H2'"  H  N N 98  
CBR "H2''" H  N N 99  
CBR "H5'"  H  N N 100 
CBR "H5''" H  N N 101 
CBR "H4'"  H  N N 102 
CBR "H1'"  H  N N 103 
CBR "H3'"  H  N N 104 
CBR "HO3'" H  N N 105 
CBR HOP3   H  N N 106 
G   OP3    O  N N 107 
G   P      P  N N 108 
G   OP1    O  N N 109 
G   OP2    O  N N 110 
G   "O5'"  O  N N 111 
G   "C5'"  C  N N 112 
G   "C4'"  C  N R 113 
G   "O4'"  O  N N 114 
G   "C3'"  C  N S 115 
G   "O3'"  O  N N 116 
G   "C2'"  C  N R 117 
G   "O2'"  O  N N 118 
G   "C1'"  C  N R 119 
G   N9     N  Y N 120 
G   C8     C  Y N 121 
G   N7     N  Y N 122 
G   C5     C  Y N 123 
G   C6     C  N N 124 
G   O6     O  N N 125 
G   N1     N  N N 126 
G   C2     C  N N 127 
G   N2     N  N N 128 
G   N3     N  N N 129 
G   C4     C  Y N 130 
G   HOP3   H  N N 131 
G   HOP2   H  N N 132 
G   "H5'"  H  N N 133 
G   "H5''" H  N N 134 
G   "H4'"  H  N N 135 
G   "H3'"  H  N N 136 
G   "HO3'" H  N N 137 
G   "H2'"  H  N N 138 
G   "HO2'" H  N N 139 
G   "H1'"  H  N N 140 
G   H8     H  N N 141 
G   H1     H  N N 142 
G   H21    H  N N 143 
G   H22    H  N N 144 
HOH O      O  N N 145 
HOH H1     H  N N 146 
HOH H2     H  N N 147 
MG  MG     MG N N 148 
SPM N1     N  N N 149 
SPM C2     C  N N 150 
SPM C3     C  N N 151 
SPM C4     C  N N 152 
SPM N5     N  N N 153 
SPM C6     C  N N 154 
SPM C7     C  N N 155 
SPM C8     C  N N 156 
SPM C9     C  N N 157 
SPM N10    N  N N 158 
SPM C11    C  N N 159 
SPM C12    C  N N 160 
SPM C13    C  N N 161 
SPM N14    N  N N 162 
SPM HN11   H  N N 163 
SPM HN12   H  N N 164 
SPM H21    H  N N 165 
SPM H22    H  N N 166 
SPM H31    H  N N 167 
SPM H32    H  N N 168 
SPM H41    H  N N 169 
SPM H42    H  N N 170 
SPM HN5    H  N N 171 
SPM H61    H  N N 172 
SPM H62    H  N N 173 
SPM H71    H  N N 174 
SPM H72    H  N N 175 
SPM H81    H  N N 176 
SPM H82    H  N N 177 
SPM H91    H  N N 178 
SPM H92    H  N N 179 
SPM HN0    H  N N 180 
SPM H111   H  N N 181 
SPM H112   H  N N 182 
SPM H121   H  N N 183 
SPM H122   H  N N 184 
SPM H131   H  N N 185 
SPM H132   H  N N 186 
SPM HN41   H  N N 187 
SPM HN42   H  N N 188 
U   OP3    O  N N 189 
U   P      P  N N 190 
U   OP1    O  N N 191 
U   OP2    O  N N 192 
U   "O5'"  O  N N 193 
U   "C5'"  C  N N 194 
U   "C4'"  C  N R 195 
U   "O4'"  O  N N 196 
U   "C3'"  C  N S 197 
U   "O3'"  O  N N 198 
U   "C2'"  C  N R 199 
U   "O2'"  O  N N 200 
U   "C1'"  C  N R 201 
U   N1     N  N N 202 
U   C2     C  N N 203 
U   O2     O  N N 204 
U   N3     N  N N 205 
U   C4     C  N N 206 
U   O4     O  N N 207 
U   C5     C  N N 208 
U   C6     C  N N 209 
U   HOP3   H  N N 210 
U   HOP2   H  N N 211 
U   "H5'"  H  N N 212 
U   "H5''" H  N N 213 
U   "H4'"  H  N N 214 
U   "H3'"  H  N N 215 
U   "HO3'" H  N N 216 
U   "H2'"  H  N N 217 
U   "HO2'" H  N N 218 
U   "H1'"  H  N N 219 
U   H3     H  N N 220 
U   H5     H  N N 221 
U   H6     H  N N 222 
# 
loop_
_chem_comp_bond.comp_id 
_chem_comp_bond.atom_id_1 
_chem_comp_bond.atom_id_2 
_chem_comp_bond.value_order 
_chem_comp_bond.pdbx_aromatic_flag 
_chem_comp_bond.pdbx_stereo_config 
_chem_comp_bond.pdbx_ordinal 
A   OP3   P      sing N N 1   
A   OP3   HOP3   sing N N 2   
A   P     OP1    doub N N 3   
A   P     OP2    sing N N 4   
A   P     "O5'"  sing N N 5   
A   OP2   HOP2   sing N N 6   
A   "O5'" "C5'"  sing N N 7   
A   "C5'" "C4'"  sing N N 8   
A   "C5'" "H5'"  sing N N 9   
A   "C5'" "H5''" sing N N 10  
A   "C4'" "O4'"  sing N N 11  
A   "C4'" "C3'"  sing N N 12  
A   "C4'" "H4'"  sing N N 13  
A   "O4'" "C1'"  sing N N 14  
A   "C3'" "O3'"  sing N N 15  
A   "C3'" "C2'"  sing N N 16  
A   "C3'" "H3'"  sing N N 17  
A   "O3'" "HO3'" sing N N 18  
A   "C2'" "O2'"  sing N N 19  
A   "C2'" "C1'"  sing N N 20  
A   "C2'" "H2'"  sing N N 21  
A   "O2'" "HO2'" sing N N 22  
A   "C1'" N9     sing N N 23  
A   "C1'" "H1'"  sing N N 24  
A   N9    C8     sing Y N 25  
A   N9    C4     sing Y N 26  
A   C8    N7     doub Y N 27  
A   C8    H8     sing N N 28  
A   N7    C5     sing Y N 29  
A   C5    C6     sing Y N 30  
A   C5    C4     doub Y N 31  
A   C6    N6     sing N N 32  
A   C6    N1     doub Y N 33  
A   N6    H61    sing N N 34  
A   N6    H62    sing N N 35  
A   N1    C2     sing Y N 36  
A   C2    N3     doub Y N 37  
A   C2    H2     sing N N 38  
A   N3    C4     sing Y N 39  
C   OP3   P      sing N N 40  
C   OP3   HOP3   sing N N 41  
C   P     OP1    doub N N 42  
C   P     OP2    sing N N 43  
C   P     "O5'"  sing N N 44  
C   OP2   HOP2   sing N N 45  
C   "O5'" "C5'"  sing N N 46  
C   "C5'" "C4'"  sing N N 47  
C   "C5'" "H5'"  sing N N 48  
C   "C5'" "H5''" sing N N 49  
C   "C4'" "O4'"  sing N N 50  
C   "C4'" "C3'"  sing N N 51  
C   "C4'" "H4'"  sing N N 52  
C   "O4'" "C1'"  sing N N 53  
C   "C3'" "O3'"  sing N N 54  
C   "C3'" "C2'"  sing N N 55  
C   "C3'" "H3'"  sing N N 56  
C   "O3'" "HO3'" sing N N 57  
C   "C2'" "O2'"  sing N N 58  
C   "C2'" "C1'"  sing N N 59  
C   "C2'" "H2'"  sing N N 60  
C   "O2'" "HO2'" sing N N 61  
C   "C1'" N1     sing N N 62  
C   "C1'" "H1'"  sing N N 63  
C   N1    C2     sing N N 64  
C   N1    C6     sing N N 65  
C   C2    O2     doub N N 66  
C   C2    N3     sing N N 67  
C   N3    C4     doub N N 68  
C   C4    N4     sing N N 69  
C   C4    C5     sing N N 70  
C   N4    H41    sing N N 71  
C   N4    H42    sing N N 72  
C   C5    C6     doub N N 73  
C   C5    H5     sing N N 74  
C   C6    H6     sing N N 75  
CBR BR    C5     sing N N 76  
CBR P     OP1    doub N N 77  
CBR P     OP2    sing N N 78  
CBR P     "O5'"  sing N N 79  
CBR P     OP3    sing N N 80  
CBR OP2   HOP2   sing N N 81  
CBR "O5'" "C5'"  sing N N 82  
CBR N1    C6     sing N N 83  
CBR N1    C2     sing N N 84  
CBR N1    "C1'"  sing N N 85  
CBR C6    C5     doub N N 86  
CBR C6    H6     sing N N 87  
CBR C2    O2     doub N N 88  
CBR C2    N3     sing N N 89  
CBR N3    C4     doub N N 90  
CBR C4    N4     sing N N 91  
CBR C4    C5     sing N N 92  
CBR N4    H41    sing N N 93  
CBR N4    H42    sing N N 94  
CBR "C2'" "C1'"  sing N N 95  
CBR "C2'" "C3'"  sing N N 96  
CBR "C2'" "H2'"  sing N N 97  
CBR "C2'" "H2''" sing N N 98  
CBR "C5'" "C4'"  sing N N 99  
CBR "C5'" "H5'"  sing N N 100 
CBR "C5'" "H5''" sing N N 101 
CBR "C4'" "O4'"  sing N N 102 
CBR "C4'" "C3'"  sing N N 103 
CBR "C4'" "H4'"  sing N N 104 
CBR "O4'" "C1'"  sing N N 105 
CBR "C1'" "H1'"  sing N N 106 
CBR "C3'" "O3'"  sing N N 107 
CBR "C3'" "H3'"  sing N N 108 
CBR "O3'" "HO3'" sing N N 109 
CBR OP3   HOP3   sing N N 110 
G   OP3   P      sing N N 111 
G   OP3   HOP3   sing N N 112 
G   P     OP1    doub N N 113 
G   P     OP2    sing N N 114 
G   P     "O5'"  sing N N 115 
G   OP2   HOP2   sing N N 116 
G   "O5'" "C5'"  sing N N 117 
G   "C5'" "C4'"  sing N N 118 
G   "C5'" "H5'"  sing N N 119 
G   "C5'" "H5''" sing N N 120 
G   "C4'" "O4'"  sing N N 121 
G   "C4'" "C3'"  sing N N 122 
G   "C4'" "H4'"  sing N N 123 
G   "O4'" "C1'"  sing N N 124 
G   "C3'" "O3'"  sing N N 125 
G   "C3'" "C2'"  sing N N 126 
G   "C3'" "H3'"  sing N N 127 
G   "O3'" "HO3'" sing N N 128 
G   "C2'" "O2'"  sing N N 129 
G   "C2'" "C1'"  sing N N 130 
G   "C2'" "H2'"  sing N N 131 
G   "O2'" "HO2'" sing N N 132 
G   "C1'" N9     sing N N 133 
G   "C1'" "H1'"  sing N N 134 
G   N9    C8     sing Y N 135 
G   N9    C4     sing Y N 136 
G   C8    N7     doub Y N 137 
G   C8    H8     sing N N 138 
G   N7    C5     sing Y N 139 
G   C5    C6     sing N N 140 
G   C5    C4     doub Y N 141 
G   C6    O6     doub N N 142 
G   C6    N1     sing N N 143 
G   N1    C2     sing N N 144 
G   N1    H1     sing N N 145 
G   C2    N2     sing N N 146 
G   C2    N3     doub N N 147 
G   N2    H21    sing N N 148 
G   N2    H22    sing N N 149 
G   N3    C4     sing N N 150 
HOH O     H1     sing N N 151 
HOH O     H2     sing N N 152 
SPM N1    C2     sing N N 153 
SPM N1    HN11   sing N N 154 
SPM N1    HN12   sing N N 155 
SPM C2    C3     sing N N 156 
SPM C2    H21    sing N N 157 
SPM C2    H22    sing N N 158 
SPM C3    C4     sing N N 159 
SPM C3    H31    sing N N 160 
SPM C3    H32    sing N N 161 
SPM C4    N5     sing N N 162 
SPM C4    H41    sing N N 163 
SPM C4    H42    sing N N 164 
SPM N5    C6     sing N N 165 
SPM N5    HN5    sing N N 166 
SPM C6    C7     sing N N 167 
SPM C6    H61    sing N N 168 
SPM C6    H62    sing N N 169 
SPM C7    C8     sing N N 170 
SPM C7    H71    sing N N 171 
SPM C7    H72    sing N N 172 
SPM C8    C9     sing N N 173 
SPM C8    H81    sing N N 174 
SPM C8    H82    sing N N 175 
SPM C9    N10    sing N N 176 
SPM C9    H91    sing N N 177 
SPM C9    H92    sing N N 178 
SPM N10   C11    sing N N 179 
SPM N10   HN0    sing N N 180 
SPM C11   C12    sing N N 181 
SPM C11   H111   sing N N 182 
SPM C11   H112   sing N N 183 
SPM C12   C13    sing N N 184 
SPM C12   H121   sing N N 185 
SPM C12   H122   sing N N 186 
SPM C13   N14    sing N N 187 
SPM C13   H131   sing N N 188 
SPM C13   H132   sing N N 189 
SPM N14   HN41   sing N N 190 
SPM N14   HN42   sing N N 191 
U   OP3   P      sing N N 192 
U   OP3   HOP3   sing N N 193 
U   P     OP1    doub N N 194 
U   P     OP2    sing N N 195 
U   P     "O5'"  sing N N 196 
U   OP2   HOP2   sing N N 197 
U   "O5'" "C5'"  sing N N 198 
U   "C5'" "C4'"  sing N N 199 
U   "C5'" "H5'"  sing N N 200 
U   "C5'" "H5''" sing N N 201 
U   "C4'" "O4'"  sing N N 202 
U   "C4'" "C3'"  sing N N 203 
U   "C4'" "H4'"  sing N N 204 
U   "O4'" "C1'"  sing N N 205 
U   "C3'" "O3'"  sing N N 206 
U   "C3'" "C2'"  sing N N 207 
U   "C3'" "H3'"  sing N N 208 
U   "O3'" "HO3'" sing N N 209 
U   "C2'" "O2'"  sing N N 210 
U   "C2'" "C1'"  sing N N 211 
U   "C2'" "H2'"  sing N N 212 
U   "O2'" "HO2'" sing N N 213 
U   "C1'" N1     sing N N 214 
U   "C1'" "H1'"  sing N N 215 
U   N1    C2     sing N N 216 
U   N1    C6     sing N N 217 
U   C2    O2     doub N N 218 
U   C2    N3     sing N N 219 
U   N3    C4     sing N N 220 
U   N3    H3     sing N N 221 
U   C4    O4     doub N N 222 
U   C4    C5     sing N N 223 
U   C5    C6     doub N N 224 
U   C5    H5     sing N N 225 
U   C6    H6     sing N N 226 
# 
loop_
_ndb_struct_conf_na.entry_id 
_ndb_struct_conf_na.feature 
1FUF 'double helix'         
1FUF 'a-form double helix'  
1FUF 'bulge loop'           
1FUF 'mismatched base pair' 
# 
loop_
_ndb_struct_na_base_pair.model_number 
_ndb_struct_na_base_pair.i_label_asym_id 
_ndb_struct_na_base_pair.i_label_comp_id 
_ndb_struct_na_base_pair.i_label_seq_id 
_ndb_struct_na_base_pair.i_symmetry 
_ndb_struct_na_base_pair.j_label_asym_id 
_ndb_struct_na_base_pair.j_label_comp_id 
_ndb_struct_na_base_pair.j_label_seq_id 
_ndb_struct_na_base_pair.j_symmetry 
_ndb_struct_na_base_pair.shear 
_ndb_struct_na_base_pair.stretch 
_ndb_struct_na_base_pair.stagger 
_ndb_struct_na_base_pair.buckle 
_ndb_struct_na_base_pair.propeller 
_ndb_struct_na_base_pair.opening 
_ndb_struct_na_base_pair.pair_number 
_ndb_struct_na_base_pair.pair_name 
_ndb_struct_na_base_pair.i_auth_asym_id 
_ndb_struct_na_base_pair.i_auth_seq_id 
_ndb_struct_na_base_pair.i_PDB_ins_code 
_ndb_struct_na_base_pair.j_auth_asym_id 
_ndb_struct_na_base_pair.j_auth_seq_id 
_ndb_struct_na_base_pair.j_PDB_ins_code 
_ndb_struct_na_base_pair.hbond_type_28 
_ndb_struct_na_base_pair.hbond_type_12 
1 A G   1  1_555 B C   14 1_555 -0.457 -0.077 0.068  -4.843 -5.241  0.861  1  A_G1:C28_B    A 1  ? B 28 ? 19 1 
1 A G   2  1_555 B CBR 13 1_555 -0.203 -0.280 -0.020 -2.698 -13.570 0.511  2  A_G2:CBR27_B  A 2  ? B 27 ? 19 1 
1 A U   3  1_555 B A   12 1_555 -0.098 -0.049 -0.031 1.414  -10.193 3.410  3  A_U3:A26_B    A 3  ? B 26 ? 20 1 
1 A A   4  1_555 B U   11 1_555 -0.026 -0.154 0.187  -0.566 -15.383 1.480  4  A_A4:U25_B    A 4  ? B 25 ? 20 1 
1 A U   5  1_555 B G   10 1_555 2.369  -0.595 0.183  6.636  -6.927  -3.993 5  A_U5:G24_B    A 5  ? B 24 ? 28 ? 
1 A C   8  1_555 B G   9  1_555 0.189  -0.091 -0.133 -1.063 0.217   2.477  6  A_C8:G23_B    A 8  ? B 23 ? 19 1 
1 A G   9  1_555 B C   8  1_555 -0.229 -0.133 -0.170 0.376  -0.466  2.889  7  A_G9:C22_B    A 9  ? B 22 ? 19 1 
1 A G   10 1_555 B U   5  1_555 -2.349 -0.595 0.300  -5.496 -5.457  -1.746 8  A_G10:U19_B   A 10 ? B 19 ? 28 ? 
1 A U   11 1_555 B A   4  1_555 0.100  -0.078 0.118  3.060  -14.330 2.352  9  A_U11:A18_B   A 11 ? B 18 ? 20 1 
1 A A   12 1_555 B U   3  1_555 0.055  -0.104 0.171  4.748  -10.378 3.790  10 A_A12:U17_B   A 12 ? B 17 ? 20 1 
1 A CBR 13 1_555 B G   2  1_555 0.207  -0.125 -0.114 8.734  -13.846 -0.887 11 A_CBR13:G16_B A 13 ? B 16 ? 19 1 
1 A C   14 1_555 B G   1  1_555 0.442  -0.091 -0.100 3.190  -5.984  1.174  12 A_C14:G15_B   A 14 ? B 15 ? 19 1 
# 
loop_
_ndb_struct_na_base_pair_step.model_number 
_ndb_struct_na_base_pair_step.i_label_asym_id_1 
_ndb_struct_na_base_pair_step.i_label_comp_id_1 
_ndb_struct_na_base_pair_step.i_label_seq_id_1 
_ndb_struct_na_base_pair_step.i_symmetry_1 
_ndb_struct_na_base_pair_step.j_label_asym_id_1 
_ndb_struct_na_base_pair_step.j_label_comp_id_1 
_ndb_struct_na_base_pair_step.j_label_seq_id_1 
_ndb_struct_na_base_pair_step.j_symmetry_1 
_ndb_struct_na_base_pair_step.i_label_asym_id_2 
_ndb_struct_na_base_pair_step.i_label_comp_id_2 
_ndb_struct_na_base_pair_step.i_label_seq_id_2 
_ndb_struct_na_base_pair_step.i_symmetry_2 
_ndb_struct_na_base_pair_step.j_label_asym_id_2 
_ndb_struct_na_base_pair_step.j_label_comp_id_2 
_ndb_struct_na_base_pair_step.j_label_seq_id_2 
_ndb_struct_na_base_pair_step.j_symmetry_2 
_ndb_struct_na_base_pair_step.shift 
_ndb_struct_na_base_pair_step.slide 
_ndb_struct_na_base_pair_step.rise 
_ndb_struct_na_base_pair_step.tilt 
_ndb_struct_na_base_pair_step.roll 
_ndb_struct_na_base_pair_step.twist 
_ndb_struct_na_base_pair_step.x_displacement 
_ndb_struct_na_base_pair_step.y_displacement 
_ndb_struct_na_base_pair_step.helical_rise 
_ndb_struct_na_base_pair_step.inclination 
_ndb_struct_na_base_pair_step.tip 
_ndb_struct_na_base_pair_step.helical_twist 
_ndb_struct_na_base_pair_step.step_number 
_ndb_struct_na_base_pair_step.step_name 
_ndb_struct_na_base_pair_step.i_auth_asym_id_1 
_ndb_struct_na_base_pair_step.i_auth_seq_id_1 
_ndb_struct_na_base_pair_step.i_PDB_ins_code_1 
_ndb_struct_na_base_pair_step.j_auth_asym_id_1 
_ndb_struct_na_base_pair_step.j_auth_seq_id_1 
_ndb_struct_na_base_pair_step.j_PDB_ins_code_1 
_ndb_struct_na_base_pair_step.i_auth_asym_id_2 
_ndb_struct_na_base_pair_step.i_auth_seq_id_2 
_ndb_struct_na_base_pair_step.i_PDB_ins_code_2 
_ndb_struct_na_base_pair_step.j_auth_asym_id_2 
_ndb_struct_na_base_pair_step.j_auth_seq_id_2 
_ndb_struct_na_base_pair_step.j_PDB_ins_code_2 
1 A G   1  1_555 B C   14 1_555 A G   2  1_555 B CBR 13 1_555 -0.627 -1.572 3.220 -1.189 6.281  33.519 -3.622 0.891  2.906 10.770 
2.038  34.106 1  AA_G1G2:CBR27C28_BB   A 1  ? B 28 ? A 2  ? B 27 ? 
1 A G   2  1_555 B CBR 13 1_555 A U   3  1_555 B A   12 1_555 0.794  -1.733 3.178 1.836  3.185  30.921 -3.808 -1.145 3.030 5.948  
-3.428 31.133 2  AA_G2U3:A26CBR27_BB   A 2  ? B 27 ? A 3  ? B 26 ? 
1 A U   3  1_555 B A   12 1_555 A A   4  1_555 B U   11 1_555 -0.491 -1.627 3.231 -1.857 9.284  29.402 -4.717 0.591  2.632 17.722 
3.545  30.857 3  AA_U3A4:U25A26_BB     A 3  ? B 26 ? A 4  ? B 25 ? 
1 A A   4  1_555 B U   11 1_555 A U   5  1_555 B G   10 1_555 -0.172 -1.091 3.105 0.720  7.410  39.126 -2.392 0.329  2.856 10.945 
-1.064 39.801 4  AA_A4U5:G24U25_BB     A 4  ? B 25 ? A 5  ? B 24 ? 
1 A U   5  1_555 B G   10 1_555 A C   8  1_555 B G   9  1_555 -1.950 -1.932 3.062 -0.771 11.569 40.958 -3.680 2.623  2.486 16.146 
1.076  42.500 5  AA_U5C8:G23G24_BB     A 5  ? B 24 ? A 8  ? B 23 ? 
1 A C   8  1_555 B G   9  1_555 A G   9  1_555 B C   8  1_555 -0.164 -2.676 3.339 0.137  2.268  21.088 -8.189 0.502  3.036 6.174  
-0.372 21.209 6  AA_C8G9:C22G23_BB     A 8  ? B 23 ? A 9  ? B 22 ? 
1 A G   9  1_555 B C   8  1_555 A G   10 1_555 B U   5  1_555 2.138  -2.016 2.998 1.061  9.861  40.628 -3.714 -2.904 2.516 13.952 
-1.501 41.771 7  AA_G9G10:U19C22_BB    A 9  ? B 22 ? A 10 ? B 19 ? 
1 A G   10 1_555 B U   5  1_555 A U   11 1_555 B A   4  1_555 -0.083 -0.866 3.010 -0.245 9.887  38.693 -2.285 0.097  2.718 14.634 
0.362  39.890 8  AA_G10U11:A18U19_BB   A 10 ? B 19 ? A 11 ? B 18 ? 
1 A U   11 1_555 B A   4  1_555 A A   12 1_555 B U   3  1_555 0.238  -1.592 3.076 -1.343 9.867  31.439 -4.267 -0.618 2.465 17.663 
2.404  32.940 9  AA_U11A12:U17A18_BB   A 11 ? B 18 ? A 12 ? B 17 ? 
1 A A   12 1_555 B U   3  1_555 A CBR 13 1_555 B G   2  1_555 -0.919 -1.965 3.137 -0.787 3.787  30.398 -4.411 1.596  2.899 7.186  
1.493  30.637 10 AA_A12CBR13:G16U17_BB A 12 ? B 17 ? A 13 ? B 16 ? 
1 A CBR 13 1_555 B G   2  1_555 A C   14 1_555 B G   1  1_555 0.614  -1.988 3.409 0.942  5.144  33.258 -4.272 -0.907 3.091 8.919  
-1.634 33.655 11 AA_CBR13C14:G15G16_BB A 13 ? B 16 ? A 14 ? B 15 ? 
# 
_atom_sites.entry_id                    1FUF 
_atom_sites.fract_transf_matrix[1][1]   -0.00579746 
_atom_sites.fract_transf_matrix[1][2]   -0.01772359 
_atom_sites.fract_transf_matrix[1][3]   -0.00520964 
_atom_sites.fract_transf_matrix[2][1]   -0.02968999 
_atom_sites.fract_transf_matrix[2][2]   0.01305099 
_atom_sites.fract_transf_matrix[2][3]   -0.01136048 
_atom_sites.fract_transf_matrix[3][1]   0.00431981 
_atom_sites.fract_transf_matrix[3][2]   -0.00779549 
_atom_sites.fract_transf_matrix[3][3]   -0.02024510 
_atom_sites.fract_transf_vector[1]      0.119922 
_atom_sites.fract_transf_vector[2]      0.001094 
_atom_sites.fract_transf_vector[3]      0.259755 
# 
loop_
_atom_type.symbol 
BR 
C  
MG 
N  
O  
P  
# 
loop_
_atom_site.group_PDB 
_atom_site.id 
_atom_site.type_symbol 
_atom_site.label_atom_id 
_atom_site.label_alt_id 
_atom_site.label_comp_id 
_atom_site.label_asym_id 
_atom_site.label_entity_id 
_atom_site.label_seq_id 
_atom_site.pdbx_PDB_ins_code 
_atom_site.Cartn_x 
_atom_site.Cartn_y 
_atom_site.Cartn_z 
_atom_site.occupancy 
_atom_site.B_iso_or_equiv 
_atom_site.pdbx_formal_charge 
_atom_site.auth_seq_id 
_atom_site.auth_comp_id 
_atom_site.auth_asym_id 
_atom_site.auth_atom_id 
_atom_site.pdbx_PDB_model_num 
ATOM   1   O  "O5'" . G   A 1 1  ? -5.414  13.040  -5.009  1.00 30.37 ? 1  G   A "O5'" 1 
ATOM   2   C  "C5'" . G   A 1 1  ? -6.566  13.114  -5.844  1.00 28.04 ? 1  G   A "C5'" 1 
ATOM   3   C  "C4'" . G   A 1 1  ? -6.256  12.861  -7.301  1.00 26.58 ? 1  G   A "C4'" 1 
ATOM   4   O  "O4'" . G   A 1 1  ? -5.352  13.885  -7.783  1.00 25.86 ? 1  G   A "O4'" 1 
ATOM   5   C  "C3'" . G   A 1 1  ? -5.565  11.545  -7.620  1.00 26.35 ? 1  G   A "C3'" 1 
ATOM   6   O  "O3'" . G   A 1 1  ? -6.533  10.523  -7.809  1.00 24.07 ? 1  G   A "O3'" 1 
ATOM   7   C  "C2'" . G   A 1 1  ? -4.869  11.866  -8.935  1.00 23.09 ? 1  G   A "C2'" 1 
ATOM   8   O  "O2'" . G   A 1 1  ? -5.792  11.823  -9.998  1.00 24.70 ? 1  G   A "O2'" 1 
ATOM   9   C  "C1'" . G   A 1 1  ? -4.414  13.308  -8.687  1.00 25.80 ? 1  G   A "C1'" 1 
ATOM   10  N  N9    . G   A 1 1  ? -3.102  13.381  -8.055  1.00 22.07 ? 1  G   A N9    1 
ATOM   11  C  C8    . G   A 1 1  ? -2.818  13.829  -6.780  1.00 23.79 ? 1  G   A C8    1 
ATOM   12  N  N7    . G   A 1 1  ? -1.549  13.769  -6.492  1.00 22.72 ? 1  G   A N7    1 
ATOM   13  C  C5    . G   A 1 1  ? -0.959  13.265  -7.642  1.00 20.82 ? 1  G   A C5    1 
ATOM   14  C  C6    . G   A 1 1  ? 0.406   12.985  -7.920  1.00 22.62 ? 1  G   A C6    1 
ATOM   15  O  O6    . G   A 1 1  ? 1.382   13.185  -7.208  1.00 20.75 ? 1  G   A O6    1 
ATOM   16  N  N1    . G   A 1 1  ? 0.568   12.445  -9.188  1.00 19.75 ? 1  G   A N1    1 
ATOM   17  C  C2    . G   A 1 1  ? -0.454  12.239  -10.089 1.00 20.49 ? 1  G   A C2    1 
ATOM   18  N  N2    . G   A 1 1  ? -0.109  11.744  -11.286 1.00 20.60 ? 1  G   A N2    1 
ATOM   19  N  N3    . G   A 1 1  ? -1.731  12.505  -9.838  1.00 20.54 ? 1  G   A N3    1 
ATOM   20  C  C4    . G   A 1 1  ? -1.906  13.010  -8.608  1.00 22.25 ? 1  G   A C4    1 
ATOM   21  P  P     . G   A 1 2  ? -6.179  9.010   -7.441  1.00 26.15 ? 2  G   A P     1 
ATOM   22  O  OP1   . G   A 1 2  ? -7.458  8.252   -7.568  1.00 25.74 ? 2  G   A OP1   1 
ATOM   23  O  OP2   . G   A 1 2  ? -5.393  8.911   -6.187  1.00 27.60 ? 2  G   A OP2   1 
ATOM   24  O  "O5'" . G   A 1 2  ? -5.220  8.550   -8.613  1.00 23.30 ? 2  G   A "O5'" 1 
ATOM   25  C  "C5'" . G   A 1 2  ? -5.711  8.303   -9.924  1.00 24.30 ? 2  G   A "C5'" 1 
ATOM   26  C  "C4'" . G   A 1 2  ? -4.574  7.906   -10.831 1.00 25.29 ? 2  G   A "C4'" 1 
ATOM   27  O  "O4'" . G   A 1 2  ? -3.618  9.001   -10.941 1.00 23.70 ? 2  G   A "O4'" 1 
ATOM   28  C  "C3'" . G   A 1 2  ? -3.721  6.761   -10.332 1.00 25.89 ? 2  G   A "C3'" 1 
ATOM   29  O  "O3'" . G   A 1 2  ? -4.349  5.497   -10.516 1.00 28.28 ? 2  G   A "O3'" 1 
ATOM   30  C  "C2'" . G   A 1 2  ? -2.469  6.959   -11.176 1.00 23.24 ? 2  G   A "C2'" 1 
ATOM   31  O  "O2'" . G   A 1 2  ? -2.688  6.668   -12.556 1.00 22.43 ? 2  G   A "O2'" 1 
ATOM   32  C  "C1'" . G   A 1 2  ? -2.300  8.473   -11.047 1.00 24.17 ? 2  G   A "C1'" 1 
ATOM   33  N  N9    . G   A 1 2  ? -1.556  8.853   -9.845  1.00 22.44 ? 2  G   A N9    1 
ATOM   34  C  C8    . G   A 1 2  ? -2.060  9.340   -8.657  1.00 21.21 ? 2  G   A C8    1 
ATOM   35  N  N7    . G   A 1 2  ? -1.135  9.611   -7.778  1.00 21.46 ? 2  G   A N7    1 
ATOM   36  C  C5    . G   A 1 2  ? 0.057   9.288   -8.424  1.00 19.67 ? 2  G   A C5    1 
ATOM   37  C  C6    . G   A 1 2  ? 1.391   9.366   -7.977  1.00 21.19 ? 2  G   A C6    1 
ATOM   38  O  O6    . G   A 1 2  ? 1.808   9.771   -6.889  1.00 20.90 ? 2  G   A O6    1 
ATOM   39  N  N1    . G   A 1 2  ? 2.288   8.898   -8.943  1.00 19.73 ? 2  G   A N1    1 
ATOM   40  C  C2    . G   A 1 2  ? 1.937   8.403   -10.181 1.00 20.80 ? 2  G   A C2    1 
ATOM   41  N  N2    . G   A 1 2  ? 2.943   7.930   -10.965 1.00 20.83 ? 2  G   A N2    1 
ATOM   42  N  N3    . G   A 1 2  ? 0.698   8.349   -10.618 1.00 19.66 ? 2  G   A N3    1 
ATOM   43  C  C4    . G   A 1 2  ? -0.189  8.800   -9.695  1.00 21.70 ? 2  G   A C4    1 
ATOM   44  P  P     . U   A 1 3  ? -4.095  4.332   -9.437  1.00 31.27 ? 3  U   A P     1 
ATOM   45  O  OP1   . U   A 1 3  ? -4.972  3.228   -9.916  1.00 34.64 ? 3  U   A OP1   1 
ATOM   46  O  OP2   . U   A 1 3  ? -4.265  4.871   -8.062  1.00 29.02 ? 3  U   A OP2   1 
ATOM   47  O  "O5'" . U   A 1 3  ? -2.570  3.956   -9.641  1.00 29.23 ? 3  U   A "O5'" 1 
ATOM   48  C  "C5'" . U   A 1 3  ? -2.123  3.502   -10.901 1.00 28.55 ? 3  U   A "C5'" 1 
ATOM   49  C  "C4'" . U   A 1 3  ? -0.632  3.462   -10.932 1.00 27.04 ? 3  U   A "C4'" 1 
ATOM   50  O  "O4'" . U   A 1 3  ? -0.121  4.760   -10.555 1.00 30.45 ? 3  U   A "O4'" 1 
ATOM   51  C  "C3'" . U   A 1 3  ? 0.029   2.528   -9.933  1.00 27.52 ? 3  U   A "C3'" 1 
ATOM   52  O  "O3'" . U   A 1 3  ? 0.024   1.215   -10.480 1.00 27.42 ? 3  U   A "O3'" 1 
ATOM   53  C  "C2'" . U   A 1 3  ? 1.435   3.110   -9.877  1.00 26.90 ? 3  U   A "C2'" 1 
ATOM   54  O  "O2'" . U   A 1 3  ? 2.219   2.842   -11.017 1.00 28.29 ? 3  U   A "O2'" 1 
ATOM   55  C  "C1'" . U   A 1 3  ? 1.135   4.604   -9.931  1.00 26.75 ? 3  U   A "C1'" 1 
ATOM   56  N  N1    . U   A 1 3  ? 1.097   5.256   -8.615  1.00 24.12 ? 3  U   A N1    1 
ATOM   57  C  C2    . U   A 1 3  ? 2.320   5.581   -8.040  1.00 23.74 ? 3  U   A C2    1 
ATOM   58  O  O2    . U   A 1 3  ? 3.384   5.321   -8.564  1.00 26.83 ? 3  U   A O2    1 
ATOM   59  N  N3    . U   A 1 3  ? 2.242   6.231   -6.837  1.00 23.75 ? 3  U   A N3    1 
ATOM   60  C  C4    . U   A 1 3  ? 1.103   6.577   -6.169  1.00 21.76 ? 3  U   A C4    1 
ATOM   61  O  O4    . U   A 1 3  ? 1.187   7.141   -5.074  1.00 24.29 ? 3  U   A O4    1 
ATOM   62  C  C5    . U   A 1 3  ? -0.124  6.199   -6.827  1.00 24.03 ? 3  U   A C5    1 
ATOM   63  C  C6    . U   A 1 3  ? -0.079  5.558   -7.992  1.00 23.75 ? 3  U   A C6    1 
ATOM   64  P  P     . A   A 1 4  ? 0.242   -0.054  -9.535  1.00 26.52 ? 4  A   A P     1 
ATOM   65  O  OP1   . A   A 1 4  ? 0.250   -1.237  -10.472 1.00 29.60 ? 4  A   A OP1   1 
ATOM   66  O  OP2   . A   A 1 4  ? -0.672  -0.046  -8.390  1.00 24.88 ? 4  A   A OP2   1 
ATOM   67  O  "O5'" . A   A 1 4  ? 1.731   0.130   -9.013  1.00 25.46 ? 4  A   A "O5'" 1 
ATOM   68  C  "C5'" . A   A 1 4  ? 2.824   -0.064  -9.902  1.00 26.41 ? 4  A   A "C5'" 1 
ATOM   69  C  "C4'" . A   A 1 4  ? 4.135   0.164   -9.182  1.00 25.17 ? 4  A   A "C4'" 1 
ATOM   70  O  "O4'" . A   A 1 4  ? 4.191   1.535   -8.726  1.00 23.96 ? 4  A   A "O4'" 1 
ATOM   71  C  "C3'" . A   A 1 4  ? 4.341   -0.624  -7.909  1.00 26.33 ? 4  A   A "C3'" 1 
ATOM   72  O  "O3'" . A   A 1 4  ? 4.721   -1.962  -8.204  1.00 23.28 ? 4  A   A "O3'" 1 
ATOM   73  C  "C2'" . A   A 1 4  ? 5.449   0.171   -7.230  1.00 23.09 ? 4  A   A "C2'" 1 
ATOM   74  O  "O2'" . A   A 1 4  ? 6.731   -0.084  -7.789  1.00 25.86 ? 4  A   A "O2'" 1 
ATOM   75  C  "C1'" . A   A 1 4  ? 5.023   1.604   -7.572  1.00 22.49 ? 4  A   A "C1'" 1 
ATOM   76  N  N9    . A   A 1 4  ? 4.262   2.264   -6.507  1.00 22.63 ? 4  A   A N9    1 
ATOM   77  C  C8    . A   A 1 4  ? 2.897   2.432   -6.371  1.00 23.85 ? 4  A   A C8    1 
ATOM   78  N  N7    . A   A 1 4  ? 2.557   3.154   -5.313  1.00 23.41 ? 4  A   A N7    1 
ATOM   79  C  C5    . A   A 1 4  ? 3.774   3.451   -4.714  1.00 22.54 ? 4  A   A C5    1 
ATOM   80  C  C6    . A   A 1 4  ? 4.114   4.195   -3.573  1.00 20.97 ? 4  A   A C6    1 
ATOM   81  N  N6    . A   A 1 4  ? 3.235   4.824   -2.806  1.00 18.84 ? 4  A   A N6    1 
ATOM   82  N  N1    . A   A 1 4  ? 5.425   4.286   -3.251  1.00 22.51 ? 4  A   A N1    1 
ATOM   83  C  C2    . A   A 1 4  ? 6.321   3.682   -4.036  1.00 25.33 ? 4  A   A C2    1 
ATOM   84  N  N3    . A   A 1 4  ? 6.125   2.975   -5.138  1.00 23.08 ? 4  A   A N3    1 
ATOM   85  C  C4    . A   A 1 4  ? 4.825   2.896   -5.425  1.00 22.80 ? 4  A   A C4    1 
ATOM   86  P  P     . U   A 1 5  ? 4.206   -3.148  -7.268  1.00 27.89 ? 5  U   A P     1 
ATOM   87  O  OP1   . U   A 1 5  ? 4.686   -4.413  -7.910  1.00 31.14 ? 5  U   A OP1   1 
ATOM   88  O  OP2   . U   A 1 5  ? 2.766   -2.995  -6.901  1.00 26.05 ? 5  U   A OP2   1 
ATOM   89  O  "O5'" . U   A 1 5  ? 4.989   -2.960  -5.887  1.00 25.72 ? 5  U   A "O5'" 1 
ATOM   90  C  "C5'" . U   A 1 5  ? 6.412   -3.119  -5.808  1.00 23.00 ? 5  U   A "C5'" 1 
ATOM   91  C  "C4'" . U   A 1 5  ? 6.919   -2.591  -4.483  1.00 21.52 ? 5  U   A "C4'" 1 
ATOM   92  O  "O4'" . U   A 1 5  ? 6.665   -1.165  -4.428  1.00 24.90 ? 5  U   A "O4'" 1 
ATOM   93  C  "C3'" . U   A 1 5  ? 6.229   -3.125  -3.245  1.00 23.78 ? 5  U   A "C3'" 1 
ATOM   94  O  "O3'" . U   A 1 5  ? 6.848   -4.339  -2.833  1.00 26.44 ? 5  U   A "O3'" 1 
ATOM   95  C  "C2'" . U   A 1 5  ? 6.551   -2.035  -2.221  1.00 24.03 ? 5  U   A "C2'" 1 
ATOM   96  O  "O2'" . U   A 1 5  ? 7.861   -2.143  -1.706  1.00 21.92 ? 5  U   A "O2'" 1 
ATOM   97  C  "C1'" . U   A 1 5  ? 6.514   -0.765  -3.079  1.00 22.46 ? 5  U   A "C1'" 1 
ATOM   98  N  N1    . U   A 1 5  ? 5.248   -0.034  -2.902  1.00 22.04 ? 5  U   A N1    1 
ATOM   99  C  C2    . U   A 1 5  ? 5.216   0.920   -1.900  1.00 23.07 ? 5  U   A C2    1 
ATOM   100 O  O2    . U   A 1 5  ? 6.186   1.180   -1.197  1.00 20.48 ? 5  U   A O2    1 
ATOM   101 N  N3    . U   A 1 5  ? 4.003   1.547   -1.721  1.00 22.46 ? 5  U   A N3    1 
ATOM   102 C  C4    . U   A 1 5  ? 2.824   1.320   -2.413  1.00 24.16 ? 5  U   A C4    1 
ATOM   103 O  O4    . U   A 1 5  ? 1.804   1.946   -2.080  1.00 23.54 ? 5  U   A O4    1 
ATOM   104 C  C5    . U   A 1 5  ? 2.923   0.319   -3.459  1.00 24.15 ? 5  U   A C5    1 
ATOM   105 C  C6    . U   A 1 5  ? 4.112   -0.305  -3.668  1.00 23.92 ? 5  U   A C6    1 
ATOM   106 P  P     . U   A 1 6  ? 6.042   -5.712  -2.872  1.00 27.15 ? 6  U   A P     1 
ATOM   107 O  OP1   . U   A 1 6  ? 7.020   -6.810  -2.549  1.00 30.59 ? 6  U   A OP1   1 
ATOM   108 O  OP2   . U   A 1 6  ? 5.316   -5.754  -4.154  1.00 26.97 ? 6  U   A OP2   1 
ATOM   109 O  "O5'" . U   A 1 6  ? 4.811   -5.637  -1.844  1.00 33.51 ? 6  U   A "O5'" 1 
ATOM   110 C  "C5'" . U   A 1 6  ? 4.908   -5.389  -0.443  1.00 33.46 ? 6  U   A "C5'" 1 
ATOM   111 C  "C4'" . U   A 1 6  ? 3.641   -5.912  0.258   1.00 30.88 ? 6  U   A "C4'" 1 
ATOM   112 O  "O4'" . U   A 1 6  ? 2.396   -5.386  -0.273  1.00 28.20 ? 6  U   A "O4'" 1 
ATOM   113 C  "C3'" . U   A 1 6  ? 3.466   -7.435  0.288   1.00 25.51 ? 6  U   A "C3'" 1 
ATOM   114 O  "O3'" . U   A 1 6  ? 3.347   -7.725  1.677   1.00 27.32 ? 6  U   A "O3'" 1 
ATOM   115 C  "C2'" . U   A 1 6  ? 2.047   -7.695  -0.218  1.00 23.57 ? 6  U   A "C2'" 1 
ATOM   116 O  "O2'" . U   A 1 6  ? 1.334   -8.729  0.421   1.00 25.53 ? 6  U   A "O2'" 1 
ATOM   117 C  "C1'" . U   A 1 6  ? 1.396   -6.332  0.024   1.00 25.66 ? 6  U   A "C1'" 1 
ATOM   118 N  N1    . U   A 1 6  ? 0.157   -6.047  -0.703  1.00 24.91 ? 6  U   A N1    1 
ATOM   119 C  C2    . U   A 1 6  ? -0.972  -5.713  0.052   1.00 25.62 ? 6  U   A C2    1 
ATOM   120 O  O2    . U   A 1 6  ? -0.952  -5.560  1.283   1.00 23.23 ? 6  U   A O2    1 
ATOM   121 N  N3    . U   A 1 6  ? -2.119  -5.545  -0.687  1.00 23.45 ? 6  U   A N3    1 
ATOM   122 C  C4    . U   A 1 6  ? -2.234  -5.660  -2.069  1.00 30.06 ? 6  U   A C4    1 
ATOM   123 O  O4    . U   A 1 6  ? -3.338  -5.533  -2.600  1.00 30.42 ? 6  U   A O4    1 
ATOM   124 C  C5    . U   A 1 6  ? -1.023  -5.959  -2.751  1.00 27.65 ? 6  U   A C5    1 
ATOM   125 C  C6    . U   A 1 6  ? 0.101   -6.133  -2.070  1.00 27.95 ? 6  U   A C6    1 
ATOM   126 P  P     . U   A 1 7  ? 4.411   -8.624  2.435   1.00 31.51 ? 7  U   A P     1 
ATOM   127 O  OP1   . U   A 1 7  ? 4.288   -9.984  1.862   1.00 33.17 ? 7  U   A OP1   1 
ATOM   128 O  OP2   . U   A 1 7  ? 4.112   -8.401  3.871   1.00 32.64 ? 7  U   A OP2   1 
ATOM   129 O  "O5'" . U   A 1 7  ? 5.790   -7.995  1.963   1.00 26.51 ? 7  U   A "O5'" 1 
ATOM   130 C  "C5'" . U   A 1 7  ? 6.474   -6.949  2.684   1.00 31.27 ? 7  U   A "C5'" 1 
ATOM   131 C  "C4'" . U   A 1 7  ? 7.949   -7.047  2.374   1.00 30.31 ? 7  U   A "C4'" 1 
ATOM   132 O  "O4'" . U   A 1 7  ? 8.305   -8.403  2.651   1.00 35.02 ? 7  U   A "O4'" 1 
ATOM   133 C  "C3'" . U   A 1 7  ? 8.308   -6.746  0.916   1.00 32.57 ? 7  U   A "C3'" 1 
ATOM   134 O  "O3'" . U   A 1 7  ? 9.381   -5.817  0.964   1.00 27.79 ? 7  U   A "O3'" 1 
ATOM   135 C  "C2'" . U   A 1 7  ? 8.356   -8.191  0.509   1.00 36.08 ? 7  U   A "C2'" 1 
ATOM   136 O  "O2'" . U   A 1 7  ? 8.788   -7.946  -0.828  1.00 38.40 ? 7  U   A "O2'" 1 
ATOM   137 C  "C1'" . U   A 1 7  ? 9.069   -8.915  1.600   1.00 38.09 ? 7  U   A "C1'" 1 
ATOM   138 N  N1    . U   A 1 7  ? 8.750   -10.331 1.390   1.00 41.47 ? 7  U   A N1    1 
ATOM   139 C  C2    . U   A 1 7  ? 9.779   -11.127 0.932   1.00 44.54 ? 7  U   A C2    1 
ATOM   140 O  O2    . U   A 1 7  ? 10.876  -10.672 0.618   1.00 44.03 ? 7  U   A O2    1 
ATOM   141 N  N3    . U   A 1 7  ? 9.486   -12.463 0.853   1.00 45.24 ? 7  U   A N3    1 
ATOM   142 C  C4    . U   A 1 7  ? 8.283   -13.065 1.165   1.00 46.25 ? 7  U   A C4    1 
ATOM   143 O  O4    . U   A 1 7  ? 8.220   -14.295 1.197   1.00 47.47 ? 7  U   A O4    1 
ATOM   144 C  C5    . U   A 1 7  ? 7.248   -12.160 1.580   1.00 45.23 ? 7  U   A C5    1 
ATOM   145 C  C6    . U   A 1 7  ? 7.511   -10.856 1.674   1.00 43.98 ? 7  U   A C6    1 
ATOM   146 P  P     . C   A 1 8  ? 9.170   -4.242  0.825   1.00 26.33 ? 8  C   A P     1 
ATOM   147 O  OP1   . C   A 1 8  ? 7.858   -3.911  0.198   1.00 26.59 ? 8  C   A OP1   1 
ATOM   148 O  OP2   . C   A 1 8  ? 10.404  -3.740  0.232   1.00 23.48 ? 8  C   A OP2   1 
ATOM   149 O  "O5'" . C   A 1 8  ? 9.128   -3.753  2.321   1.00 26.77 ? 8  C   A "O5'" 1 
ATOM   150 C  "C5'" . C   A 1 8  ? 10.299  -3.746  3.109   1.00 29.09 ? 8  C   A "C5'" 1 
ATOM   151 C  "C4'" . C   A 1 8  ? 10.102  -2.820  4.273   1.00 26.50 ? 8  C   A "C4'" 1 
ATOM   152 O  "O4'" . C   A 1 8  ? 9.991   -1.460  3.760   1.00 25.16 ? 8  C   A "O4'" 1 
ATOM   153 C  "C3'" . C   A 1 8  ? 8.801   -3.027  5.041   1.00 28.26 ? 8  C   A "C3'" 1 
ATOM   154 O  "O3'" . C   A 1 8  ? 8.883   -4.100  5.995   1.00 30.27 ? 8  C   A "O3'" 1 
ATOM   155 C  "C2'" . C   A 1 8  ? 8.631   -1.663  5.691   1.00 27.80 ? 8  C   A "C2'" 1 
ATOM   156 O  "O2'" . C   A 1 8  ? 9.540   -1.475  6.771   1.00 29.89 ? 8  C   A "O2'" 1 
ATOM   157 C  "C1'" . C   A 1 8  ? 9.044   -0.737  4.542   1.00 24.76 ? 8  C   A "C1'" 1 
ATOM   158 N  N1    . C   A 1 8  ? 7.878   -0.377  3.702   1.00 24.77 ? 8  C   A N1    1 
ATOM   159 C  C2    . C   A 1 8  ? 6.940   0.527   4.227   1.00 24.39 ? 8  C   A C2    1 
ATOM   160 O  O2    . C   A 1 8  ? 7.173   1.056   5.332   1.00 23.04 ? 8  C   A O2    1 
ATOM   161 N  N3    . C   A 1 8  ? 5.809   0.783   3.538   1.00 20.33 ? 8  C   A N3    1 
ATOM   162 C  C4    . C   A 1 8  ? 5.585   0.183   2.372   1.00 24.14 ? 8  C   A C4    1 
ATOM   163 N  N4    . C   A 1 8  ? 4.422   0.420   1.761   1.00 22.52 ? 8  C   A N4    1 
ATOM   164 C  C5    . C   A 1 8  ? 6.544   -0.703  1.782   1.00 23.75 ? 8  C   A C5    1 
ATOM   165 C  C6    . C   A 1 8  ? 7.673   -0.945  2.474   1.00 23.37 ? 8  C   A C6    1 
ATOM   166 P  P     . G   A 1 9  ? 7.547   -4.894  6.417   1.00 33.68 ? 9  G   A P     1 
ATOM   167 O  OP1   . G   A 1 9  ? 7.951   -6.112  7.149   1.00 34.49 ? 9  G   A OP1   1 
ATOM   168 O  OP2   . G   A 1 9  ? 6.638   -5.015  5.241   1.00 34.04 ? 9  G   A OP2   1 
ATOM   169 O  "O5'" . G   A 1 9  ? 6.762   -3.945  7.451   1.00 29.32 ? 9  G   A "O5'" 1 
ATOM   170 C  "C5'" . G   A 1 9  ? 7.333   -3.563  8.685   1.00 31.75 ? 9  G   A "C5'" 1 
ATOM   171 C  "C4'" . G   A 1 9  ? 6.508   -2.457  9.321   1.00 28.10 ? 9  G   A "C4'" 1 
ATOM   172 O  "O4'" . G   A 1 9  ? 6.449   -1.331  8.404   1.00 30.31 ? 9  G   A "O4'" 1 
ATOM   173 C  "C3'" . G   A 1 9  ? 5.031   -2.733  9.576   1.00 28.83 ? 9  G   A "C3'" 1 
ATOM   174 O  "O3'" . G   A 1 9  ? 4.797   -3.524  10.740  1.00 26.82 ? 9  G   A "O3'" 1 
ATOM   175 C  "C2'" . G   A 1 9  ? 4.520   -1.316  9.774   1.00 26.96 ? 9  G   A "C2'" 1 
ATOM   176 O  "O2'" . G   A 1 9  ? 4.958   -0.789  11.013  1.00 30.16 ? 9  G   A "O2'" 1 
ATOM   177 C  "C1'" . G   A 1 9  ? 5.244   -0.590  8.642   1.00 28.37 ? 9  G   A "C1'" 1 
ATOM   178 N  N9    . G   A 1 9  ? 4.398   -0.582  7.444   1.00 24.60 ? 9  G   A N9    1 
ATOM   179 C  C8    . G   A 1 9  ? 4.546   -1.294  6.280   1.00 24.33 ? 9  G   A C8    1 
ATOM   180 N  N7    . G   A 1 9  ? 3.544   -1.135  5.448   1.00 22.85 ? 9  G   A N7    1 
ATOM   181 C  C5    . G   A 1 9  ? 2.691   -0.234  6.099   1.00 22.23 ? 9  G   A C5    1 
ATOM   182 C  C6    . G   A 1 9  ? 1.424   0.298   5.705   1.00 20.87 ? 9  G   A C6    1 
ATOM   183 O  O6    . G   A 1 9  ? 0.770   0.053   4.678   1.00 19.90 ? 9  G   A O6    1 
ATOM   184 N  N1    . G   A 1 9  ? 0.903   1.179   6.673   1.00 18.98 ? 9  G   A N1    1 
ATOM   185 C  C2    . G   A 1 9  ? 1.518   1.466   7.882   1.00 22.73 ? 9  G   A C2    1 
ATOM   186 N  N2    . G   A 1 9  ? 0.861   2.304   8.733   1.00 21.48 ? 9  G   A N2    1 
ATOM   187 N  N3    . G   A 1 9  ? 2.698   0.963   8.246   1.00 21.42 ? 9  G   A N3    1 
ATOM   188 C  C4    . G   A 1 9  ? 3.214   0.135   7.316   1.00 22.39 ? 9  G   A C4    1 
ATOM   189 P  P     . G   A 1 10 ? 3.466   -4.415  10.854  1.00 29.73 ? 10 G   A P     1 
ATOM   190 O  OP1   . G   A 1 10 ? 3.525   -5.125  12.155  1.00 28.06 ? 10 G   A OP1   1 
ATOM   191 O  OP2   . G   A 1 10 ? 3.245   -5.191  9.619   1.00 26.97 ? 10 G   A OP2   1 
ATOM   192 O  "O5'" . G   A 1 10 ? 2.288   -3.343  10.910  1.00 28.78 ? 10 G   A "O5'" 1 
ATOM   193 C  "C5'" . G   A 1 10 ? 2.180   -2.423  11.980  1.00 28.28 ? 10 G   A "C5'" 1 
ATOM   194 C  "C4'" . G   A 1 10 ? 0.891   -1.636  11.860  1.00 25.88 ? 10 G   A "C4'" 1 
ATOM   195 O  "O4'" . G   A 1 10 ? 0.918   -0.818  10.660  1.00 25.16 ? 10 G   A "O4'" 1 
ATOM   196 C  "C3'" . G   A 1 10 ? -0.385  -2.443  11.706  1.00 23.35 ? 10 G   A "C3'" 1 
ATOM   197 O  "O3'" . G   A 1 10 ? -0.845  -2.896  12.977  1.00 24.35 ? 10 G   A "O3'" 1 
ATOM   198 C  "C2'" . G   A 1 10 ? -1.327  -1.392  11.132  1.00 22.43 ? 10 G   A "C2'" 1 
ATOM   199 O  "O2'" . G   A 1 10 ? -1.744  -0.427  12.077  1.00 21.34 ? 10 G   A "O2'" 1 
ATOM   200 C  "C1'" . G   A 1 10 ? -0.403  -0.658  10.176  1.00 21.04 ? 10 G   A "C1'" 1 
ATOM   201 N  N9    . G   A 1 10 ? -0.502  -1.204  8.832   1.00 19.16 ? 10 G   A N9    1 
ATOM   202 C  C8    . G   A 1 10 ? 0.401   -1.988  8.162   1.00 21.16 ? 10 G   A C8    1 
ATOM   203 N  N7    . G   A 1 10 ? 0.022   -2.282  6.944   1.00 18.86 ? 10 G   A N7    1 
ATOM   204 C  C5    . G   A 1 10 ? -1.219  -1.661  6.815   1.00 18.27 ? 10 G   A C5    1 
ATOM   205 C  C6    . G   A 1 10 ? -2.092  -1.607  5.712   1.00 19.02 ? 10 G   A C6    1 
ATOM   206 O  O6    . G   A 1 10 ? -1.914  -2.089  4.582   1.00 19.24 ? 10 G   A O6    1 
ATOM   207 N  N1    . G   A 1 10 ? -3.262  -0.878  6.002   1.00 16.21 ? 10 G   A N1    1 
ATOM   208 C  C2    . G   A 1 10 ? -3.522  -0.256  7.215   1.00 21.01 ? 10 G   A C2    1 
ATOM   209 N  N2    . G   A 1 10 ? -4.705  0.406   7.326   1.00 19.15 ? 10 G   A N2    1 
ATOM   210 N  N3    . G   A 1 10 ? -2.685  -0.283  8.245   1.00 19.11 ? 10 G   A N3    1 
ATOM   211 C  C4    . G   A 1 10 ? -1.563  -1.005  7.973   1.00 20.11 ? 10 G   A C4    1 
ATOM   212 P  P     . U   A 1 11 ? -1.419  -4.381  13.131  1.00 26.03 ? 11 U   A P     1 
ATOM   213 O  OP1   . U   A 1 11 ? -1.573  -4.594  14.611  1.00 26.60 ? 11 U   A OP1   1 
ATOM   214 O  OP2   . U   A 1 11 ? -0.557  -5.316  12.315  1.00 27.59 ? 11 U   A OP2   1 
ATOM   215 O  "O5'" . U   A 1 11 ? -2.892  -4.318  12.521  1.00 24.78 ? 11 U   A "O5'" 1 
ATOM   216 C  "C5'" . U   A 1 11 ? -3.875  -3.514  13.170  1.00 25.18 ? 11 U   A "C5'" 1 
ATOM   217 C  "C4'" . U   A 1 11 ? -4.997  -3.198  12.237  1.00 22.98 ? 11 U   A "C4'" 1 
ATOM   218 O  "O4'" . U   A 1 11 ? -4.486  -2.433  11.119  1.00 21.90 ? 11 U   A "O4'" 1 
ATOM   219 C  "C3'" . U   A 1 11 ? -5.662  -4.375  11.574  1.00 24.47 ? 11 U   A "C3'" 1 
ATOM   220 O  "O3'" . U   A 1 11 ? -6.517  -5.034  12.494  1.00 25.52 ? 11 U   A "O3'" 1 
ATOM   221 C  "C2'" . U   A 1 11 ? -6.359  -3.681  10.413  1.00 21.46 ? 11 U   A "C2'" 1 
ATOM   222 O  "O2'" . U   A 1 11 ? -7.478  -2.923  10.857  1.00 24.57 ? 11 U   A "O2'" 1 
ATOM   223 C  "C1'" . U   A 1 11 ? -5.262  -2.714  9.964   1.00 20.68 ? 11 U   A "C1'" 1 
ATOM   224 N  N1    . U   A 1 11 ? -4.379  -3.321  8.960   1.00 21.24 ? 11 U   A N1    1 
ATOM   225 C  C2    . U   A 1 11 ? -4.841  -3.369  7.661   1.00 22.13 ? 11 U   A C2    1 
ATOM   226 O  O2    . U   A 1 11 ? -5.923  -2.930  7.340   1.00 20.51 ? 11 U   A O2    1 
ATOM   227 N  N3    . U   A 1 11 ? -3.994  -3.978  6.759   1.00 21.03 ? 11 U   A N3    1 
ATOM   228 C  C4    . U   A 1 11 ? -2.775  -4.555  7.042   1.00 21.08 ? 11 U   A C4    1 
ATOM   229 O  O4    . U   A 1 11 ? -2.111  -5.021  6.133   1.00 21.08 ? 11 U   A O4    1 
ATOM   230 C  C5    . U   A 1 11 ? -2.374  -4.474  8.411   1.00 20.65 ? 11 U   A C5    1 
ATOM   231 C  C6    . U   A 1 11 ? -3.166  -3.854  9.300   1.00 20.97 ? 11 U   A C6    1 
ATOM   232 P  P     . A   A 1 12 ? -6.706  -6.638  12.403  1.00 29.20 ? 12 A   A P     1 
ATOM   233 O  OP1   . A   A 1 12 ? -7.425  -7.083  13.615  1.00 31.30 ? 12 A   A OP1   1 
ATOM   234 O  OP2   . A   A 1 12 ? -5.390  -7.278  12.056  1.00 28.50 ? 12 A   A OP2   1 
ATOM   235 O  "O5'" . A   A 1 12 ? -7.696  -6.794  11.172  1.00 26.70 ? 12 A   A "O5'" 1 
ATOM   236 C  "C5'" . A   A 1 12 ? -8.940  -6.115  11.146  1.00 29.25 ? 12 A   A "C5'" 1 
ATOM   237 C  "C4'" . A   A 1 12 ? -9.537  -6.164  9.751   1.00 26.63 ? 12 A   A "C4'" 1 
ATOM   238 O  "O4'" . A   A 1 12 ? -8.682  -5.421  8.851   1.00 28.83 ? 12 A   A "O4'" 1 
ATOM   239 C  "C3'" . A   A 1 12 ? -9.633  -7.534  9.102   1.00 27.21 ? 12 A   A "C3'" 1 
ATOM   240 O  "O3'" . A   A 1 12 ? -10.771 -8.235  9.573   1.00 28.64 ? 12 A   A "O3'" 1 
ATOM   241 C  "C2'" . A   A 1 12 ? -9.719  -7.165  7.624   1.00 28.39 ? 12 A   A "C2'" 1 
ATOM   242 O  "O2'" . A   A 1 12 ? -10.988 -6.670  7.233   1.00 30.98 ? 12 A   A "O2'" 1 
ATOM   243 C  "C1'" . A   A 1 12 ? -8.715  -6.012  7.554   1.00 28.69 ? 12 A   A "C1'" 1 
ATOM   244 N  N9    . A   A 1 12 ? -7.354  -6.434  7.212   1.00 24.39 ? 12 A   A N9    1 
ATOM   245 C  C8    . A   A 1 12 ? -6.267  -6.587  8.039   1.00 25.59 ? 12 A   A C8    1 
ATOM   246 N  N7    . A   A 1 12 ? -5.176  -6.966  7.416   1.00 25.14 ? 12 A   A N7    1 
ATOM   247 C  C5    . A   A 1 12 ? -5.574  -7.069  6.092   1.00 24.17 ? 12 A   A C5    1 
ATOM   248 C  C6    . A   A 1 12 ? -4.881  -7.417  4.937   1.00 23.00 ? 12 A   A C6    1 
ATOM   249 N  N6    . A   A 1 12 ? -3.573  -7.694  4.917   1.00 21.87 ? 12 A   A N6    1 
ATOM   250 N  N1    . A   A 1 12 ? -5.571  -7.453  3.781   1.00 21.18 ? 12 A   A N1    1 
ATOM   251 C  C2    . A   A 1 12 ? -6.877  -7.134  3.795   1.00 23.10 ? 12 A   A C2    1 
ATOM   252 N  N3    . A   A 1 12 ? -7.638  -6.768  4.823   1.00 23.32 ? 12 A   A N3    1 
ATOM   253 C  C4    . A   A 1 12 ? -6.914  -6.754  5.955   1.00 23.94 ? 12 A   A C4    1 
HETATM 254 BR BR    . CBR A 1 13 ? -6.594  -10.168 7.606   1.00 39.56 ? 13 CBR A BR    1 
HETATM 255 P  P     . CBR A 1 13 ? -10.824 -9.844  9.492   1.00 29.32 ? 13 CBR A P     1 
HETATM 256 O  OP1   . CBR A 1 13 ? -12.059 -10.280 10.214  1.00 26.34 ? 13 CBR A OP1   1 
HETATM 257 O  OP2   . CBR A 1 13 ? -9.524  -10.458 9.844   1.00 28.60 ? 13 CBR A OP2   1 
HETATM 258 O  "O5'" . CBR A 1 13 ? -10.999 -10.122 7.936   1.00 27.13 ? 13 CBR A "O5'" 1 
HETATM 259 N  N1    . CBR A 1 13 ? -9.066  -10.230 4.361   1.00 23.66 ? 13 CBR A N1    1 
HETATM 260 C  C6    . CBR A 1 13 ? -8.572  -10.122 5.623   1.00 26.52 ? 13 CBR A C6    1 
HETATM 261 C  C2    . CBR A 1 13 ? -8.191  -10.498 3.276   1.00 24.06 ? 13 CBR A C2    1 
HETATM 262 O  O2    . CBR A 1 13 ? -8.659  -10.588 2.129   1.00 22.70 ? 13 CBR A O2    1 
HETATM 263 N  N3    . CBR A 1 13 ? -6.859  -10.653 3.521   1.00 24.61 ? 13 CBR A N3    1 
HETATM 264 C  C4    . CBR A 1 13 ? -6.403  -10.564 4.773   1.00 24.92 ? 13 CBR A C4    1 
HETATM 265 N  N4    . CBR A 1 13 ? -5.097  -10.751 4.995   1.00 23.46 ? 13 CBR A N4    1 
HETATM 266 C  C5    . CBR A 1 13 ? -7.268  -10.286 5.864   1.00 26.27 ? 13 CBR A C5    1 
HETATM 267 C  "C2'" . CBR A 1 13 ? -11.205 -11.453 4.051   1.00 23.04 ? 13 CBR A "C2'" 1 
HETATM 268 C  "C5'" . CBR A 1 13 ? -12.216 -9.871  7.285   1.00 29.67 ? 13 CBR A "C5'" 1 
HETATM 269 C  "C4'" . CBR A 1 13 ? -12.101 -10.217 5.820   1.00 28.36 ? 13 CBR A "C4'" 1 
HETATM 270 O  "O4'" . CBR A 1 13 ? -11.110 -9.372  5.194   1.00 27.42 ? 13 CBR A "O4'" 1 
HETATM 271 C  "C1'" . CBR A 1 13 ? -10.516 -10.089 4.097   1.00 27.47 ? 13 CBR A "C1'" 1 
HETATM 272 C  "C3'" . CBR A 1 13 ? -11.620 -11.624 5.493   1.00 26.32 ? 13 CBR A "C3'" 1 
HETATM 273 O  "O3'" . CBR A 1 13 ? -12.654 -12.595 5.636   1.00 28.45 ? 13 CBR A "O3'" 1 
ATOM   274 P  P     . C   A 1 14 ? -12.274 -14.103 6.036   1.00 27.07 ? 14 C   A P     1 
ATOM   275 O  OP1   . C   A 1 14 ? -13.556 -14.851 6.128   1.00 31.18 ? 14 C   A OP1   1 
ATOM   276 O  OP2   . C   A 1 14 ? -11.328 -14.137 7.173   1.00 30.01 ? 14 C   A OP2   1 
ATOM   277 O  "O5'" . C   A 1 14 ? -11.495 -14.613 4.747   1.00 28.84 ? 14 C   A "O5'" 1 
ATOM   278 C  "C5'" . C   A 1 14 ? -12.173 -14.730 3.497   1.00 28.79 ? 14 C   A "C5'" 1 
ATOM   279 C  "C4'" . C   A 1 14 ? -11.225 -15.223 2.428   1.00 25.33 ? 14 C   A "C4'" 1 
ATOM   280 O  "O4'" . C   A 1 14 ? -10.215 -14.218 2.171   1.00 25.93 ? 14 C   A "O4'" 1 
ATOM   281 C  "C3'" . C   A 1 14 ? -10.398 -16.458 2.735   1.00 26.03 ? 14 C   A "C3'" 1 
ATOM   282 O  "O3'" . C   A 1 14 ? -11.158 -17.661 2.705   1.00 28.93 ? 14 C   A "O3'" 1 
ATOM   283 C  "C2'" . C   A 1 14 ? -9.306  -16.343 1.680   1.00 25.36 ? 14 C   A "C2'" 1 
ATOM   284 O  "O2'" . C   A 1 14 ? -9.802  -16.634 0.392   1.00 29.56 ? 14 C   A "O2'" 1 
ATOM   285 C  "C1'" . C   A 1 14 ? -9.014  -14.843 1.725   1.00 26.97 ? 14 C   A "C1'" 1 
ATOM   286 N  N1    . C   A 1 14 ? -7.923  -14.518 2.667   1.00 23.99 ? 14 C   A N1    1 
ATOM   287 C  C2    . C   A 1 14 ? -6.585  -14.686 2.246   1.00 24.15 ? 14 C   A C2    1 
ATOM   288 O  O2    . C   A 1 14 ? -6.360  -15.059 1.087   1.00 21.73 ? 14 C   A O2    1 
ATOM   289 N  N3    . C   A 1 14 ? -5.584  -14.450 3.129   1.00 23.08 ? 14 C   A N3    1 
ATOM   290 C  C4    . C   A 1 14 ? -5.880  -14.095 4.393   1.00 24.01 ? 14 C   A C4    1 
ATOM   291 N  N4    . C   A 1 14 ? -4.884  -13.957 5.252   1.00 25.96 ? 14 C   A N4    1 
ATOM   292 C  C5    . C   A 1 14 ? -7.227  -13.888 4.828   1.00 24.75 ? 14 C   A C5    1 
ATOM   293 C  C6    . C   A 1 14 ? -8.202  -14.097 3.938   1.00 25.61 ? 14 C   A C6    1 
ATOM   294 O  "O5'" . G   B 1 1  ? 4.247   -14.208 0.898   1.00 27.41 ? 15 G   B "O5'" 1 
ATOM   295 C  "C5'" . G   B 1 1  ? 4.599   -15.014 -0.238  1.00 26.03 ? 15 G   B "C5'" 1 
ATOM   296 C  "C4'" . G   B 1 1  ? 3.432   -15.608 -0.996  1.00 24.43 ? 15 G   B "C4'" 1 
ATOM   297 O  "O4'" . G   B 1 1  ? 2.771   -16.614 -0.189  1.00 23.89 ? 15 G   B "O4'" 1 
ATOM   298 C  "C3'" . G   B 1 1  ? 2.330   -14.653 -1.418  1.00 23.37 ? 15 G   B "C3'" 1 
ATOM   299 O  "O3'" . G   B 1 1  ? 2.656   -14.024 -2.647  1.00 24.70 ? 15 G   B "O3'" 1 
ATOM   300 C  "C2'" . G   B 1 1  ? 1.140   -15.594 -1.562  1.00 24.69 ? 15 G   B "C2'" 1 
ATOM   301 O  "O2'" . G   B 1 1  ? 1.184   -16.366 -2.750  1.00 23.47 ? 15 G   B "O2'" 1 
ATOM   302 C  "C1'" . G   B 1 1  ? 1.359   -16.525 -0.376  1.00 23.91 ? 15 G   B "C1'" 1 
ATOM   303 N  N9    . G   B 1 1  ? 0.772   -15.963 0.839   1.00 22.21 ? 15 G   B N9    1 
ATOM   304 C  C8    . G   B 1 1  ? 1.446   -15.541 1.961   1.00 23.12 ? 15 G   B C8    1 
ATOM   305 N  N7    . G   B 1 1  ? 0.656   -15.070 2.888   1.00 23.28 ? 15 G   B N7    1 
ATOM   306 C  C5    . G   B 1 1  ? -0.622  -15.196 2.349   1.00 22.13 ? 15 G   B C5    1 
ATOM   307 C  C6    . G   B 1 1  ? -1.894  -14.859 2.903   1.00 22.99 ? 15 G   B C6    1 
ATOM   308 O  O6    . G   B 1 1  ? -2.150  -14.376 3.997   1.00 23.31 ? 15 G   B O6    1 
ATOM   309 N  N1    . G   B 1 1  ? -2.931  -15.155 2.023   1.00 22.60 ? 15 G   B N1    1 
ATOM   310 C  C2    . G   B 1 1  ? -2.770  -15.700 0.769   1.00 22.28 ? 15 G   B C2    1 
ATOM   311 N  N2    . G   B 1 1  ? -3.907  -15.915 0.080   1.00 18.66 ? 15 G   B N2    1 
ATOM   312 N  N3    . G   B 1 1  ? -1.596  -16.010 0.243   1.00 20.05 ? 15 G   B N3    1 
ATOM   313 C  C4    . G   B 1 1  ? -0.571  -15.739 1.085   1.00 23.31 ? 15 G   B C4    1 
ATOM   314 P  P     . G   B 1 2  ? 2.056   -12.573 -2.987  1.00 25.82 ? 16 G   B P     1 
ATOM   315 O  OP1   . G   B 1 2  ? 2.739   -12.076 -4.196  1.00 25.57 ? 16 G   B OP1   1 
ATOM   316 O  OP2   . G   B 1 2  ? 2.114   -11.763 -1.725  1.00 25.76 ? 16 G   B OP2   1 
ATOM   317 O  "O5'" . G   B 1 2  ? 0.513   -12.838 -3.263  1.00 22.15 ? 16 G   B "O5'" 1 
ATOM   318 C  "C5'" . G   B 1 2  ? 0.047   -13.442 -4.454  1.00 26.19 ? 16 G   B "C5'" 1 
ATOM   319 C  "C4'" . G   B 1 2  ? -1.458  -13.380 -4.480  1.00 23.94 ? 16 G   B "C4'" 1 
ATOM   320 O  "O4'" . G   B 1 2  ? -1.974  -14.154 -3.357  1.00 24.99 ? 16 G   B "O4'" 1 
ATOM   321 C  "C3'" . G   B 1 2  ? -2.043  -11.993 -4.238  1.00 23.80 ? 16 G   B "C3'" 1 
ATOM   322 O  "O3'" . G   B 1 2  ? -2.029  -11.165 -5.394  1.00 23.84 ? 16 G   B "O3'" 1 
ATOM   323 C  "C2'" . G   B 1 2  ? -3.440  -12.341 -3.757  1.00 23.59 ? 16 G   B "C2'" 1 
ATOM   324 O  "O2'" . G   B 1 2  ? -4.254  -12.759 -4.835  1.00 26.43 ? 16 G   B "O2'" 1 
ATOM   325 C  "C1'" . G   B 1 2  ? -3.133  -13.518 -2.837  1.00 27.29 ? 16 G   B "C1'" 1 
ATOM   326 N  N9    . G   B 1 2  ? -2.855  -13.035 -1.493  1.00 23.02 ? 16 G   B N9    1 
ATOM   327 C  C8    . G   B 1 2  ? -1.638  -12.879 -0.865  1.00 24.03 ? 16 G   B C8    1 
ATOM   328 N  N7    . G   B 1 2  ? -1.745  -12.358 0.330   1.00 24.29 ? 16 G   B N7    1 
ATOM   329 C  C5    . G   B 1 2  ? -3.117  -12.159 0.492   1.00 24.04 ? 16 G   B C5    1 
ATOM   330 C  C6    . G   B 1 2  ? -3.848  -11.611 1.587   1.00 24.38 ? 16 G   B C6    1 
ATOM   331 O  O6    . G   B 1 2  ? -3.421  -11.208 2.667   1.00 23.17 ? 16 G   B O6    1 
ATOM   332 N  N1    . G   B 1 2  ? -5.208  -11.578 1.328   1.00 22.57 ? 16 G   B N1    1 
ATOM   333 C  C2    . G   B 1 2  ? -5.807  -12.036 0.175   1.00 23.53 ? 16 G   B C2    1 
ATOM   334 N  N2    . G   B 1 2  ? -7.145  -11.923 0.105   1.00 24.39 ? 16 G   B N2    1 
ATOM   335 N  N3    . G   B 1 2  ? -5.137  -12.572 -0.843  1.00 24.06 ? 16 G   B N3    1 
ATOM   336 C  C4    . G   B 1 2  ? -3.807  -12.590 -0.615  1.00 23.59 ? 16 G   B C4    1 
ATOM   337 P  P     . U   B 1 3  ? -1.844  -9.563  -5.224  1.00 26.74 ? 17 U   B P     1 
ATOM   338 O  OP1   . U   B 1 3  ? -1.761  -8.993  -6.583  1.00 28.11 ? 17 U   B OP1   1 
ATOM   339 O  OP2   . U   B 1 3  ? -0.761  -9.275  -4.253  1.00 25.87 ? 17 U   B OP2   1 
ATOM   340 O  "O5'" . U   B 1 3  ? -3.208  -9.131  -4.523  1.00 26.80 ? 17 U   B "O5'" 1 
ATOM   341 C  "C5'" . U   B 1 3  ? -4.441  -9.318  -5.191  1.00 27.68 ? 17 U   B "C5'" 1 
ATOM   342 C  "C4'" . U   B 1 3  ? -5.597  -9.046  -4.259  1.00 25.59 ? 17 U   B "C4'" 1 
ATOM   343 O  "O4'" . U   B 1 3  ? -5.437  -9.805  -3.037  1.00 24.76 ? 17 U   B "O4'" 1 
ATOM   344 C  "C3'" . U   B 1 3  ? -5.848  -7.623  -3.782  1.00 23.36 ? 17 U   B "C3'" 1 
ATOM   345 O  "O3'" . U   B 1 3  ? -6.539  -6.938  -4.821  1.00 24.34 ? 17 U   B "O3'" 1 
ATOM   346 C  "C2'" . U   B 1 3  ? -6.728  -7.870  -2.561  1.00 24.44 ? 17 U   B "C2'" 1 
ATOM   347 O  "O2'" . U   B 1 3  ? -8.030  -8.320  -2.904  1.00 25.38 ? 17 U   B "O2'" 1 
ATOM   348 C  "C1'" . U   B 1 3  ? -6.057  -9.108  -1.966  1.00 24.79 ? 17 U   B "C1'" 1 
ATOM   349 N  N1    . U   B 1 3  ? -5.057  -8.829  -0.930  1.00 23.14 ? 17 U   B N1    1 
ATOM   350 C  C2    . U   B 1 3  ? -5.549  -8.414  0.297   1.00 23.39 ? 17 U   B C2    1 
ATOM   351 O  O2    . U   B 1 3  ? -6.734  -8.277  0.505   1.00 21.52 ? 17 U   B O2    1 
ATOM   352 N  N3    . U   B 1 3  ? -4.594  -8.191  1.259   1.00 20.98 ? 17 U   B N3    1 
ATOM   353 C  C4    . U   B 1 3  ? -3.232  -8.378  1.123   1.00 22.87 ? 17 U   B C4    1 
ATOM   354 O  O4    . U   B 1 3  ? -2.505  -8.222  2.098   1.00 22.53 ? 17 U   B O4    1 
ATOM   355 C  C5    . U   B 1 3  ? -2.805  -8.814  -0.181  1.00 23.09 ? 17 U   B C5    1 
ATOM   356 C  C6    . U   B 1 3  ? -3.711  -8.995  -1.140  1.00 22.14 ? 17 U   B C6    1 
ATOM   357 P  P     . A   B 1 4  ? -6.422  -5.341  -4.958  1.00 26.56 ? 18 A   B P     1 
ATOM   358 O  OP1   . A   B 1 4  ? -7.296  -5.055  -6.129  1.00 29.37 ? 18 A   B OP1   1 
ATOM   359 O  OP2   . A   B 1 4  ? -5.048  -4.816  -4.951  1.00 24.95 ? 18 A   B OP2   1 
ATOM   360 O  "O5'" . A   B 1 4  ? -7.107  -4.802  -3.631  1.00 25.44 ? 18 A   B "O5'" 1 
ATOM   361 C  "C5'" . A   B 1 4  ? -8.510  -4.859  -3.461  1.00 27.77 ? 18 A   B "C5'" 1 
ATOM   362 C  "C4'" . A   B 1 4  ? -8.878  -4.274  -2.128  1.00 27.35 ? 18 A   B "C4'" 1 
ATOM   363 O  "O4'" . A   B 1 4  ? -8.377  -5.114  -1.063  1.00 25.58 ? 18 A   B "O4'" 1 
ATOM   364 C  "C3'" . A   B 1 4  ? -8.266  -2.926  -1.800  1.00 26.55 ? 18 A   B "C3'" 1 
ATOM   365 O  "O3'" . A   B 1 4  ? -8.963  -1.880  -2.479  1.00 24.84 ? 18 A   B "O3'" 1 
ATOM   366 C  "C2'" . A   B 1 4  ? -8.492  -2.875  -0.296  1.00 24.52 ? 18 A   B "C2'" 1 
ATOM   367 O  "O2'" . A   B 1 4  ? -9.860  -2.637  0.018   1.00 24.69 ? 18 A   B "O2'" 1 
ATOM   368 C  "C1'" . A   B 1 4  ? -8.159  -4.315  0.089   1.00 24.26 ? 18 A   B "C1'" 1 
ATOM   369 N  N9    . A   B 1 4  ? -6.769  -4.471  0.509   1.00 22.56 ? 18 A   B N9    1 
ATOM   370 C  C8    . A   B 1 4  ? -5.648  -4.841  -0.200  1.00 22.30 ? 18 A   B C8    1 
ATOM   371 N  N7    . A   B 1 4  ? -4.565  -4.923  0.542   1.00 20.99 ? 18 A   B N7    1 
ATOM   372 C  C5    . A   B 1 4  ? -5.006  -4.569  1.808   1.00 19.65 ? 18 A   B C5    1 
ATOM   373 C  C6    . A   B 1 4  ? -4.346  -4.476  3.043   1.00 20.62 ? 18 A   B C6    1 
ATOM   374 N  N6    . A   B 1 4  ? -3.049  -4.728  3.192   1.00 19.35 ? 18 A   B N6    1 
ATOM   375 N  N1    . A   B 1 4  ? -5.084  -4.112  4.124   1.00 20.42 ? 18 A   B N1    1 
ATOM   376 C  C2    . A   B 1 4  ? -6.392  -3.860  3.949   1.00 20.41 ? 18 A   B C2    1 
ATOM   377 N  N3    . A   B 1 4  ? -7.115  -3.905  2.837   1.00 21.52 ? 18 A   B N3    1 
ATOM   378 C  C4    . A   B 1 4  ? -6.354  -4.275  1.796   1.00 19.86 ? 18 A   B C4    1 
ATOM   379 P  P     . U   B 1 5  ? -8.169  -0.599  -2.980  1.00 26.09 ? 19 U   B P     1 
ATOM   380 O  OP1   . U   B 1 5  ? -9.101  0.262   -3.772  1.00 29.22 ? 19 U   B OP1   1 
ATOM   381 O  OP2   . U   B 1 5  ? -6.851  -0.955  -3.570  1.00 25.39 ? 19 U   B OP2   1 
ATOM   382 O  "O5'" . U   B 1 5  ? -7.845  0.177   -1.628  1.00 25.38 ? 19 U   B "O5'" 1 
ATOM   383 C  "C5'" . U   B 1 5  ? -8.879  0.766   -0.854  1.00 25.43 ? 19 U   B "C5'" 1 
ATOM   384 C  "C4'" . U   B 1 5  ? -8.335  1.150   0.496   1.00 24.70 ? 19 U   B "C4'" 1 
ATOM   385 O  "O4'" . U   B 1 5  ? -7.830  -0.055  1.120   1.00 23.30 ? 19 U   B "O4'" 1 
ATOM   386 C  "C3'" . U   B 1 5  ? -7.143  2.089   0.502   1.00 25.00 ? 19 U   B "C3'" 1 
ATOM   387 O  "O3'" . U   B 1 5  ? -7.582  3.445   0.425   1.00 24.76 ? 19 U   B "O3'" 1 
ATOM   388 C  "C2'" . U   B 1 5  ? -6.519  1.790   1.870   1.00 24.85 ? 19 U   B "C2'" 1 
ATOM   389 O  "O2'" . U   B 1 5  ? -7.212  2.368   2.960   1.00 23.94 ? 19 U   B "O2'" 1 
ATOM   390 C  "C1'" . U   B 1 5  ? -6.754  0.279   1.989   1.00 23.30 ? 19 U   B "C1'" 1 
ATOM   391 N  N1    . U   B 1 5  ? -5.566  -0.531  1.663   1.00 21.83 ? 19 U   B N1    1 
ATOM   392 C  C2    . U   B 1 5  ? -4.696  -0.778  2.700   1.00 20.83 ? 19 U   B C2    1 
ATOM   393 O  O2    . U   B 1 5  ? -4.921  -0.395  3.831   1.00 19.87 ? 19 U   B O2    1 
ATOM   394 N  N3    . U   B 1 5  ? -3.561  -1.490  2.362   1.00 18.60 ? 19 U   B N3    1 
ATOM   395 C  C4    . U   B 1 5  ? -3.223  -1.959  1.098   1.00 22.57 ? 19 U   B C4    1 
ATOM   396 O  O4    . U   B 1 5  ? -2.140  -2.536  0.925   1.00 19.93 ? 19 U   B O4    1 
ATOM   397 C  C5    . U   B 1 5  ? -4.196  -1.682  0.079   1.00 22.17 ? 19 U   B C5    1 
ATOM   398 C  C6    . U   B 1 5  ? -5.310  -0.999  0.392   1.00 24.25 ? 19 U   B C6    1 
ATOM   399 P  P     . U   B 1 6  ? -7.175  4.354   -0.825  1.00 26.43 ? 20 U   B P     1 
ATOM   400 O  OP1   . U   B 1 6  ? -7.647  5.749   -0.575  1.00 31.18 ? 20 U   B OP1   1 
ATOM   401 O  OP2   . U   B 1 6  ? -7.661  3.644   -2.076  1.00 25.50 ? 20 U   B OP2   1 
ATOM   402 O  "O5'" . U   B 1 6  ? -5.578  4.347   -0.895  1.00 27.70 ? 20 U   B "O5'" 1 
ATOM   403 C  "C5'" . U   B 1 6  ? -4.740  4.918   0.124   1.00 27.18 ? 20 U   B "C5'" 1 
ATOM   404 C  "C4'" . U   B 1 6  ? -3.577  5.617   -0.540  1.00 27.34 ? 20 U   B "C4'" 1 
ATOM   405 O  "O4'" . U   B 1 6  ? -2.891  4.702   -1.414  1.00 27.91 ? 20 U   B "O4'" 1 
ATOM   406 C  "C3'" . U   B 1 6  ? -4.015  6.791   -1.416  1.00 27.22 ? 20 U   B "C3'" 1 
ATOM   407 O  "O3'" . U   B 1 6  ? -3.338  7.935   -0.885  1.00 27.38 ? 20 U   B "O3'" 1 
ATOM   408 C  "C2'" . U   B 1 6  ? -3.432  6.499   -2.804  1.00 25.69 ? 20 U   B "C2'" 1 
ATOM   409 O  "O2'" . U   B 1 6  ? -2.892  7.565   -3.556  1.00 25.39 ? 20 U   B "O2'" 1 
ATOM   410 C  "C1'" . U   B 1 6  ? -2.376  5.442   -2.472  1.00 24.96 ? 20 U   B "C1'" 1 
ATOM   411 N  N1    . U   B 1 6  ? -1.902  4.540   -3.521  1.00 24.85 ? 20 U   B N1    1 
ATOM   412 C  C2    . U   B 1 6  ? -0.528  4.430   -3.683  1.00 25.25 ? 20 U   B C2    1 
ATOM   413 O  O2    . U   B 1 6  ? 0.286   4.969   -2.947  1.00 22.81 ? 20 U   B O2    1 
ATOM   414 N  N3    . U   B 1 6  ? -0.133  3.643   -4.727  1.00 25.62 ? 20 U   B N3    1 
ATOM   415 C  C4    . U   B 1 6  ? -0.945  2.956   -5.603  1.00 30.05 ? 20 U   B C4    1 
ATOM   416 O  O4    . U   B 1 6  ? -0.438  2.454   -6.620  1.00 29.17 ? 20 U   B O4    1 
ATOM   417 C  C5    . U   B 1 6  ? -2.346  3.071   -5.330  1.00 30.13 ? 20 U   B C5    1 
ATOM   418 C  C6    . U   B 1 6  ? -2.767  3.842   -4.325  1.00 28.55 ? 20 U   B C6    1 
ATOM   419 P  P     . U   B 1 7  ? -4.140  9.271   -0.551  1.00 33.03 ? 21 U   B P     1 
ATOM   420 O  OP1   . U   B 1 7  ? -5.021  9.564   -1.715  1.00 32.65 ? 21 U   B OP1   1 
ATOM   421 O  OP2   . U   B 1 7  ? -3.134  10.266  -0.119  1.00 31.29 ? 21 U   B OP2   1 
ATOM   422 O  "O5'" . U   B 1 7  ? -5.126  8.818   0.605   1.00 33.34 ? 21 U   B "O5'" 1 
ATOM   423 C  "C5'" . U   B 1 7  ? -4.685  8.483   1.939   1.00 33.89 ? 21 U   B "C5'" 1 
ATOM   424 C  "C4'" . U   B 1 7  ? -5.869  8.632   2.858   1.00 34.22 ? 21 U   B "C4'" 1 
ATOM   425 O  "O4'" . U   B 1 7  ? -6.310  9.993   2.728   1.00 39.11 ? 21 U   B "O4'" 1 
ATOM   426 C  "C3'" . U   B 1 7  ? -7.006  7.715   2.416   1.00 31.21 ? 21 U   B "C3'" 1 
ATOM   427 O  "O3'" . U   B 1 7  ? -7.590  7.131   3.564   1.00 24.80 ? 21 U   B "O3'" 1 
ATOM   428 C  "C2'" . U   B 1 7  ? -8.057  8.655   1.810   1.00 37.25 ? 21 U   B "C2'" 1 
ATOM   429 O  "O2'" . U   B 1 7  ? -9.379  8.247   2.051   1.00 38.50 ? 21 U   B "O2'" 1 
ATOM   430 C  "C1'" . U   B 1 7  ? -7.650  10.036  2.320   1.00 42.69 ? 21 U   B "C1'" 1 
ATOM   431 N  N1    . U   B 1 7  ? -7.795  11.069  1.286   1.00 49.74 ? 21 U   B N1    1 
ATOM   432 C  C2    . U   B 1 7  ? -8.493  12.223  1.623   1.00 53.03 ? 21 U   B C2    1 
ATOM   433 O  O2    . U   B 1 7  ? -8.977  12.413  2.738   1.00 54.15 ? 21 U   B O2    1 
ATOM   434 N  N3    . U   B 1 7  ? -8.602  13.147  0.608   1.00 55.47 ? 21 U   B N3    1 
ATOM   435 C  C4    . U   B 1 7  ? -8.099  13.033  -0.688  1.00 56.83 ? 21 U   B C4    1 
ATOM   436 O  O4    . U   B 1 7  ? -8.316  13.932  -1.511  1.00 59.05 ? 21 U   B O4    1 
ATOM   437 C  C5    . U   B 1 7  ? -7.391  11.811  -0.950  1.00 55.65 ? 21 U   B C5    1 
ATOM   438 C  C6    . U   B 1 7  ? -7.265  10.897  0.020   1.00 52.69 ? 21 U   B C6    1 
ATOM   439 P  P     . C   B 1 8  ? -7.074  5.749   4.187   1.00 23.25 ? 22 C   B P     1 
ATOM   440 O  OP1   . C   B 1 8  ? -6.339  4.949   3.148   1.00 24.33 ? 22 C   B OP1   1 
ATOM   441 O  OP2   . C   B 1 8  ? -8.202  5.170   4.916   1.00 20.91 ? 22 C   B OP2   1 
ATOM   442 O  "O5'" . C   B 1 8  ? -5.957  6.224   5.228   1.00 21.81 ? 22 C   B "O5'" 1 
ATOM   443 C  "C5'" . C   B 1 8  ? -6.321  6.736   6.509   1.00 21.79 ? 22 C   B "C5'" 1 
ATOM   444 C  "C4'" . C   B 1 8  ? -5.202  6.507   7.501   1.00 21.16 ? 22 C   B "C4'" 1 
ATOM   445 O  "O4'" . C   B 1 8  ? -5.145  5.091   7.840   1.00 19.41 ? 22 C   B "O4'" 1 
ATOM   446 C  "C3'" . C   B 1 8  ? -3.811  6.807   6.986   1.00 18.85 ? 22 C   B "C3'" 1 
ATOM   447 O  "O3'" . C   B 1 8  ? -3.510  8.191   7.021   1.00 20.33 ? 22 C   B "O3'" 1 
ATOM   448 C  "C2'" . C   B 1 8  ? -2.951  5.986   7.930   1.00 21.05 ? 22 C   B "C2'" 1 
ATOM   449 O  "O2'" . C   B 1 8  ? -2.842  6.578   9.231   1.00 21.01 ? 22 C   B "O2'" 1 
ATOM   450 C  "C1'" . C   B 1 8  ? -3.795  4.709   8.035   1.00 19.06 ? 22 C   B "C1'" 1 
ATOM   451 N  N1    . C   B 1 8  ? -3.373  3.750   6.982   1.00 20.54 ? 22 C   B N1    1 
ATOM   452 C  C2    . C   B 1 8  ? -2.161  3.081   7.179   1.00 23.19 ? 22 C   B C2    1 
ATOM   453 O  O2    . C   B 1 8  ? -1.549  3.256   8.254   1.00 20.77 ? 22 C   B O2    1 
ATOM   454 N  N3    . C   B 1 8  ? -1.684  2.266   6.203   1.00 21.40 ? 22 C   B N3    1 
ATOM   455 C  C4    . C   B 1 8  ? -2.380  2.097   5.072   1.00 21.14 ? 22 C   B C4    1 
ATOM   456 N  N4    . C   B 1 8  ? -1.837  1.309   4.100   1.00 19.47 ? 22 C   B N4    1 
ATOM   457 C  C5    . C   B 1 8  ? -3.649  2.725   4.863   1.00 19.33 ? 22 C   B C5    1 
ATOM   458 C  C6    . C   B 1 8  ? -4.108  3.540   5.844   1.00 20.90 ? 22 C   B C6    1 
ATOM   459 P  P     . G   B 1 9  ? -2.560  8.838   5.910   1.00 22.50 ? 23 G   B P     1 
ATOM   460 O  OP1   . G   B 1 9  ? -2.711  10.317  5.989   1.00 20.91 ? 23 G   B OP1   1 
ATOM   461 O  OP2   . G   B 1 9  ? -2.818  8.158   4.595   1.00 24.17 ? 23 G   B OP2   1 
ATOM   462 O  "O5'" . G   B 1 9  ? -1.084  8.457   6.360   1.00 21.94 ? 23 G   B "O5'" 1 
ATOM   463 C  "C5'" . G   B 1 9  ? -0.614  8.808   7.650   1.00 21.05 ? 23 G   B "C5'" 1 
ATOM   464 C  "C4'" . G   B 1 9  ? 0.650   8.050   7.962   1.00 20.64 ? 23 G   B "C4'" 1 
ATOM   465 O  "O4'" . G   B 1 9  ? 0.352   6.631   7.998   1.00 20.79 ? 23 G   B "O4'" 1 
ATOM   466 C  "C3'" . G   B 1 9  ? 1.801   8.109   6.968   1.00 21.73 ? 23 G   B "C3'" 1 
ATOM   467 O  "O3'" . G   B 1 9  ? 2.516   9.338   7.037   1.00 22.87 ? 23 G   B "O3'" 1 
ATOM   468 C  "C2'" . G   B 1 9  ? 2.637   6.939   7.463   1.00 22.95 ? 23 G   B "C2'" 1 
ATOM   469 O  "O2'" . G   B 1 9  ? 3.289   7.211   8.686   1.00 20.60 ? 23 G   B "O2'" 1 
ATOM   470 C  "C1'" . G   B 1 9  ? 1.546   5.899   7.712   1.00 23.89 ? 23 G   B "C1'" 1 
ATOM   471 N  N9    . G   B 1 9  ? 1.393   5.105   6.494   1.00 22.57 ? 23 G   B N9    1 
ATOM   472 C  C8    . G   B 1 9  ? 0.402   5.095   5.549   1.00 20.11 ? 23 G   B C8    1 
ATOM   473 N  N7    . G   B 1 9  ? 0.664   4.303   4.535   1.00 21.49 ? 23 G   B N7    1 
ATOM   474 C  C5    . G   B 1 9  ? 1.890   3.741   4.853   1.00 21.39 ? 23 G   B C5    1 
ATOM   475 C  C6    . G   B 1 9  ? 2.689   2.838   4.145   1.00 20.51 ? 23 G   B C6    1 
ATOM   476 O  O6    . G   B 1 9  ? 2.474   2.326   3.057   1.00 21.19 ? 23 G   B O6    1 
ATOM   477 N  N1    . G   B 1 9  ? 3.866   2.548   4.835   1.00 19.52 ? 23 G   B N1    1 
ATOM   478 C  C2    . G   B 1 9  ? 4.221   3.058   6.055   1.00 22.99 ? 23 G   B C2    1 
ATOM   479 N  N2    . G   B 1 9  ? 5.385   2.623   6.591   1.00 21.51 ? 23 G   B N2    1 
ATOM   480 N  N3    . G   B 1 9  ? 3.485   3.921   6.716   1.00 23.09 ? 23 G   B N3    1 
ATOM   481 C  C4    . G   B 1 9  ? 2.344   4.211   6.064   1.00 22.72 ? 23 G   B C4    1 
ATOM   482 P  P     . G   B 1 10 ? 3.333   9.896   5.754   1.00 26.15 ? 24 G   B P     1 
ATOM   483 O  OP1   . G   B 1 10 ? 3.819   11.255  6.157   1.00 24.36 ? 24 G   B OP1   1 
ATOM   484 O  OP2   . G   B 1 10 ? 2.534   9.744   4.473   1.00 21.78 ? 24 G   B OP2   1 
ATOM   485 O  "O5'" . G   B 1 10 ? 4.556   8.901   5.634   1.00 23.82 ? 24 G   B "O5'" 1 
ATOM   486 C  "C5'" . G   B 1 10 ? 5.489   8.769   6.693   1.00 23.12 ? 24 G   B "C5'" 1 
ATOM   487 C  "C4'" . G   B 1 10 ? 6.542   7.757   6.335   1.00 24.95 ? 24 G   B "C4'" 1 
ATOM   488 O  "O4'" . G   B 1 10 ? 5.929   6.465   6.128   1.00 24.88 ? 24 G   B "O4'" 1 
ATOM   489 C  "C3'" . G   B 1 10 ? 7.266   8.003   5.030   1.00 24.51 ? 24 G   B "C3'" 1 
ATOM   490 O  "O3'" . G   B 1 10 ? 8.251   9.004   5.204   1.00 26.14 ? 24 G   B "O3'" 1 
ATOM   491 C  "C2'" . G   B 1 10 ? 7.866   6.632   4.766   1.00 23.49 ? 24 G   B "C2'" 1 
ATOM   492 O  "O2'" . G   B 1 10 ? 8.949   6.377   5.646   1.00 25.17 ? 24 G   B "O2'" 1 
ATOM   493 C  "C1'" . G   B 1 10 ? 6.696   5.729   5.171   1.00 22.77 ? 24 G   B "C1'" 1 
ATOM   494 N  N9    . G   B 1 10 ? 5.827   5.391   4.050   1.00 21.98 ? 24 G   B N9    1 
ATOM   495 C  C8    . G   B 1 10 ? 4.542   5.823   3.819   1.00 23.24 ? 24 G   B C8    1 
ATOM   496 N  N7    . G   B 1 10 ? 4.015   5.319   2.729   1.00 20.75 ? 24 G   B N7    1 
ATOM   497 C  C5    . G   B 1 10 ? 5.009   4.507   2.218   1.00 19.72 ? 24 G   B C5    1 
ATOM   498 C  C6    . G   B 1 10 ? 5.007   3.698   1.076   1.00 21.02 ? 24 G   B C6    1 
ATOM   499 O  O6    . G   B 1 10 ? 4.084   3.504   0.284   1.00 20.72 ? 24 G   B O6    1 
ATOM   500 N  N1    . G   B 1 10 ? 6.228   3.048   0.907   1.00 19.86 ? 24 G   B N1    1 
ATOM   501 C  C2    . G   B 1 10 ? 7.296   3.148   1.769   1.00 21.62 ? 24 G   B C2    1 
ATOM   502 N  N2    . G   B 1 10 ? 8.390   2.413   1.455   1.00 24.50 ? 24 G   B N2    1 
ATOM   503 N  N3    . G   B 1 10 ? 7.300   3.894   2.856   1.00 19.75 ? 24 G   B N3    1 
ATOM   504 C  C4    . G   B 1 10 ? 6.136   4.541   3.018   1.00 22.56 ? 24 G   B C4    1 
ATOM   505 P  P     . U   B 1 11 ? 8.562   10.022  4.016   1.00 30.63 ? 25 U   B P     1 
ATOM   506 O  OP1   . U   B 1 11 ? 9.643   10.910  4.519   1.00 34.73 ? 25 U   B OP1   1 
ATOM   507 O  OP2   . U   B 1 11 ? 7.337   10.617  3.423   1.00 31.52 ? 25 U   B OP2   1 
ATOM   508 O  "O5'" . U   B 1 11 ? 9.246   9.113   2.907   1.00 28.23 ? 25 U   B "O5'" 1 
ATOM   509 C  "C5'" . U   B 1 11 ? 10.445  8.423   3.186   1.00 26.48 ? 25 U   B "C5'" 1 
ATOM   510 C  "C4'" . U   B 1 11 ? 10.750  7.450   2.073   1.00 25.52 ? 25 U   B "C4'" 1 
ATOM   511 O  "O4'" . U   B 1 11 ? 9.743   6.398   2.042   1.00 23.95 ? 25 U   B "O4'" 1 
ATOM   512 C  "C3'" . U   B 1 11 ? 10.693  8.033   0.668   1.00 26.81 ? 25 U   B "C3'" 1 
ATOM   513 O  "O3'" . U   B 1 11 ? 11.908  8.690   0.360   1.00 31.06 ? 25 U   B "O3'" 1 
ATOM   514 C  "C2'" . U   B 1 11 ? 10.539  6.772   -0.158  1.00 22.49 ? 25 U   B "C2'" 1 
ATOM   515 O  "O2'" . U   B 1 11 ? 11.761  6.057   -0.226  1.00 22.85 ? 25 U   B "O2'" 1 
ATOM   516 C  "C1'" . U   B 1 11 ? 9.544   5.988   0.702   1.00 23.74 ? 25 U   B "C1'" 1 
ATOM   517 N  N1    . U   B 1 11 ? 8.147   6.245   0.320   1.00 22.07 ? 25 U   B N1    1 
ATOM   518 C  C2    . U   B 1 11 ? 7.665   5.527   -0.753  1.00 24.12 ? 25 U   B C2    1 
ATOM   519 O  O2    . U   B 1 11 ? 8.368   4.734   -1.361  1.00 24.74 ? 25 U   B O2    1 
ATOM   520 N  N3    . U   B 1 11 ? 6.345   5.774   -1.091  1.00 18.93 ? 25 U   B N3    1 
ATOM   521 C  C4    . U   B 1 11 ? 5.488   6.659   -0.470  1.00 22.07 ? 25 U   B C4    1 
ATOM   522 O  O4    . U   B 1 11 ? 4.290   6.691   -0.813  1.00 22.91 ? 25 U   B O4    1 
ATOM   523 C  C5    . U   B 1 11 ? 6.076   7.393   0.630   1.00 22.22 ? 25 U   B C5    1 
ATOM   524 C  C6    . U   B 1 11 ? 7.345   7.160   0.983   1.00 23.57 ? 25 U   B C6    1 
ATOM   525 P  P     . A   B 1 12 ? 11.907  9.962   -0.626  1.00 33.88 ? 26 A   B P     1 
ATOM   526 O  OP1   . A   B 1 12 ? 13.271  10.489  -0.535  1.00 32.55 ? 26 A   B OP1   1 
ATOM   527 O  OP2   . A   B 1 12 ? 10.770  10.863  -0.319  1.00 36.23 ? 26 A   B OP2   1 
ATOM   528 O  "O5'" . A   B 1 12 ? 11.546  9.365   -2.059  1.00 33.79 ? 26 A   B "O5'" 1 
ATOM   529 C  "C5'" . A   B 1 12 ? 12.459  8.566   -2.777  1.00 37.43 ? 26 A   B "C5'" 1 
ATOM   530 C  "C4'" . A   B 1 12 ? 11.763  7.856   -3.920  1.00 35.31 ? 26 A   B "C4'" 1 
ATOM   531 O  "O4'" . A   B 1 12 ? 10.645  7.085   -3.406  1.00 36.95 ? 26 A   B "O4'" 1 
ATOM   532 C  "C3'" . A   B 1 12 ? 11.115  8.690   -5.019  1.00 34.74 ? 26 A   B "C3'" 1 
ATOM   533 O  "O3'" . A   B 1 12 ? 12.098  9.182   -5.923  1.00 33.23 ? 26 A   B "O3'" 1 
ATOM   534 C  "C2'" . A   B 1 12 ? 10.237  7.631   -5.672  1.00 31.93 ? 26 A   B "C2'" 1 
ATOM   535 O  "O2'" . A   B 1 12 ? 11.019  6.697   -6.376  1.00 30.10 ? 26 A   B "O2'" 1 
ATOM   536 C  "C1'" . A   B 1 12 ? 9.692   6.904   -4.443  1.00 32.74 ? 26 A   B "C1'" 1 
ATOM   537 N  N9    . A   B 1 12 ? 8.390   7.417   -4.024  1.00 28.67 ? 26 A   B N9    1 
ATOM   538 C  C8    . A   B 1 12 ? 8.043   8.238   -2.984  1.00 28.29 ? 26 A   B C8    1 
ATOM   539 N  N7    . A   B 1 12 ? 6.752   8.476   -2.908  1.00 26.87 ? 26 A   B N7    1 
ATOM   540 C  C5    . A   B 1 12 ? 6.214   7.757   -3.975  1.00 23.56 ? 26 A   B C5    1 
ATOM   541 C  C6    . A   B 1 12 ? 4.883   7.570   -4.442  1.00 23.50 ? 26 A   B C6    1 
ATOM   542 N  N6    . A   B 1 12 ? 3.799   8.098   -3.874  1.00 24.02 ? 26 A   B N6    1 
ATOM   543 N  N1    . A   B 1 12 ? 4.712   6.798   -5.538  1.00 21.69 ? 26 A   B N1    1 
ATOM   544 C  C2    . A   B 1 12 ? 5.779   6.255   -6.112  1.00 24.48 ? 26 A   B C2    1 
ATOM   545 N  N3    . A   B 1 12 ? 7.067   6.344   -5.762  1.00 26.29 ? 26 A   B N3    1 
ATOM   546 C  C4    . A   B 1 12 ? 7.210   7.117   -4.674  1.00 25.87 ? 26 A   B C4    1 
HETATM 547 BR BR    . CBR B 1 13 ? 7.437   10.848  -5.538  1.00 42.38 ? 27 CBR B BR    1 
HETATM 548 P  P     . CBR B 1 13 ? 11.774  10.428  -6.885  1.00 32.85 ? 27 CBR B P     1 
HETATM 549 O  OP1   . CBR B 1 13 ? 13.085  10.786  -7.486  1.00 33.92 ? 27 CBR B OP1   1 
HETATM 550 O  OP2   . CBR B 1 13 ? 10.948  11.484  -6.293  1.00 31.69 ? 27 CBR B OP2   1 
HETATM 551 O  "O5'" . CBR B 1 13 ? 10.926  9.788   -8.078  1.00 31.20 ? 27 CBR B "O5'" 1 
HETATM 552 N  N1    . CBR B 1 13 ? 7.188   8.445   -8.827  1.00 24.46 ? 27 CBR B N1    1 
HETATM 553 C  C6    . CBR B 1 13 ? 7.648   9.181   -7.779  1.00 24.31 ? 27 CBR B C6    1 
HETATM 554 C  C2    . CBR B 1 13 ? 5.813   8.356   -9.063  1.00 22.20 ? 27 CBR B C2    1 
HETATM 555 O  O2    . CBR B 1 13 ? 5.430   7.705   -10.011 1.00 21.67 ? 27 CBR B O2    1 
HETATM 556 N  N3    . CBR B 1 13 ? 4.940   8.986   -8.243  1.00 20.89 ? 27 CBR B N3    1 
HETATM 557 C  C4    . CBR B 1 13 ? 5.410   9.681   -7.211  1.00 25.38 ? 27 CBR B C4    1 
HETATM 558 N  N4    . CBR B 1 13 ? 4.535   10.253  -6.387  1.00 20.21 ? 27 CBR B N4    1 
HETATM 559 C  C5    . CBR B 1 13 ? 6.805   9.805   -6.971  1.00 26.96 ? 27 CBR B C5    1 
HETATM 560 C  "C2'" . CBR B 1 13 ? 8.415   8.521   -11.025 1.00 22.38 ? 27 CBR B "C2'" 1 
HETATM 561 C  "C5'" . CBR B 1 13 ? 11.481  8.754   -8.896  1.00 29.60 ? 27 CBR B "C5'" 1 
HETATM 562 C  "C4'" . CBR B 1 13 ? 10.431  8.207   -9.838  1.00 25.63 ? 27 CBR B "C4'" 1 
HETATM 563 O  "O4'" . CBR B 1 13 ? 9.392   7.573   -9.067  1.00 26.63 ? 27 CBR B "O4'" 1 
HETATM 564 C  "C1'" . CBR B 1 13 ? 8.122   7.736   -9.739  1.00 25.51 ? 27 CBR B "C1'" 1 
HETATM 565 C  "C3'" . CBR B 1 13 ? 9.693   9.252   -10.666 1.00 25.58 ? 27 CBR B "C3'" 1 
HETATM 566 O  "O3'" . CBR B 1 13 ? 10.441  9.614   -11.829 1.00 27.91 ? 27 CBR B "O3'" 1 
ATOM   567 P  P     . C   B 1 14 ? 10.376  11.116  -12.369 1.00 28.83 ? 28 C   B P     1 
ATOM   568 O  OP1   . C   B 1 14 ? 11.312  11.198  -13.527 1.00 30.00 ? 28 C   B OP1   1 
ATOM   569 O  OP2   . C   B 1 14 ? 10.491  12.111  -11.257 1.00 24.81 ? 28 C   B OP2   1 
ATOM   570 O  "O5'" . C   B 1 14 ? 8.889   11.252  -12.933 1.00 26.04 ? 28 C   B "O5'" 1 
ATOM   571 C  "C5'" . C   B 1 14 ? 8.479   10.548  -14.102 1.00 24.40 ? 28 C   B "C5'" 1 
ATOM   572 C  "C4'" . C   B 1 14 ? 6.990   10.700  -14.298 1.00 19.92 ? 28 C   B "C4'" 1 
ATOM   573 O  "O4'" . C   B 1 14 ? 6.303   10.168  -13.146 1.00 21.22 ? 28 C   B "O4'" 1 
ATOM   574 C  "C3'" . C   B 1 14 ? 6.464   12.125  -14.363 1.00 20.37 ? 28 C   B "C3'" 1 
ATOM   575 O  "O3'" . C   B 1 14 ? 6.683   12.724  -15.656 1.00 24.27 ? 28 C   B "O3'" 1 
ATOM   576 C  "C2'" . C   B 1 14 ? 4.986   11.902  -14.074 1.00 21.84 ? 28 C   B "C2'" 1 
ATOM   577 O  "O2'" . C   B 1 14 ? 4.363   11.355  -15.209 1.00 21.67 ? 28 C   B "O2'" 1 
ATOM   578 C  "C1'" . C   B 1 14 ? 5.042   10.809  -13.005 1.00 22.45 ? 28 C   B "C1'" 1 
ATOM   579 N  N1    . C   B 1 14 ? 4.899   11.330  -11.628 1.00 22.84 ? 28 C   B N1    1 
ATOM   580 C  C2    . C   B 1 14 ? 3.600   11.541  -11.129 1.00 22.62 ? 28 C   B C2    1 
ATOM   581 O  O2    . C   B 1 14 ? 2.598   11.252  -11.854 1.00 18.49 ? 28 C   B O2    1 
ATOM   582 N  N3    . C   B 1 14 ? 3.445   12.061  -9.890  1.00 19.82 ? 28 C   B N3    1 
ATOM   583 C  C4    . C   B 1 14 ? 4.518   12.393  -9.172  1.00 23.07 ? 28 C   B C4    1 
ATOM   584 N  N4    . C   B 1 14 ? 4.310   12.958  -7.984  1.00 24.24 ? 28 C   B N4    1 
ATOM   585 C  C5    . C   B 1 14 ? 5.853   12.175  -9.643  1.00 23.88 ? 28 C   B C5    1 
ATOM   586 C  C6    . C   B 1 14 ? 5.996   11.635  -10.867 1.00 23.00 ? 28 C   B C6    1 
HETATM 587 MG MG    . MG  C 2 .  ? 0.433   -10.330 4.356   1.00 39.08 ? 97 MG  A MG    1 
HETATM 588 N  N1    . SPM D 3 .  ? 2.000   7.514   0.296   1.00 34.75 ? 98 SPM B N1    1 
HETATM 589 C  C2    . SPM D 3 .  ? 0.804   6.571   0.432   1.00 37.94 ? 98 SPM B C2    1 
HETATM 590 C  C3    . SPM D 3 .  ? 1.344   5.208   0.192   1.00 36.43 ? 98 SPM B C3    1 
HETATM 591 C  C4    . SPM D 3 .  ? 0.319   4.092   0.314   1.00 36.64 ? 98 SPM B C4    1 
HETATM 592 N  N5    . SPM D 3 .  ? 0.975   2.872   0.854   1.00 32.98 ? 98 SPM B N5    1 
HETATM 593 C  C6    . SPM D 3 .  ? -0.068  1.747   0.983   1.00 36.66 ? 98 SPM B C6    1 
HETATM 594 C  C7    . SPM D 3 .  ? 0.857   0.458   1.220   1.00 32.53 ? 98 SPM B C7    1 
HETATM 595 C  C8    . SPM D 3 .  ? 0.130   -0.511  1.719   1.00 34.79 ? 98 SPM B C8    1 
HETATM 596 C  C9    . SPM D 3 .  ? 1.355   -1.574  1.945   1.00 37.16 ? 98 SPM B C9    1 
HETATM 597 N  N10   . SPM D 3 .  ? 0.574   -2.633  2.793   1.00 38.65 ? 98 SPM B N10   1 
HETATM 598 C  C11   . SPM D 3 .  ? 1.453   -3.877  3.216   1.00 37.60 ? 98 SPM B C11   1 
HETATM 599 C  C12   . SPM D 3 .  ? 0.462   -4.861  4.062   1.00 34.30 ? 98 SPM B C12   1 
HETATM 600 C  C13   . SPM D 3 .  ? 1.382   -5.537  5.036   1.00 35.97 ? 98 SPM B C13   1 
HETATM 601 N  N14   . SPM D 3 .  ? 0.533   -5.828  6.251   1.00 32.51 ? 98 SPM B N14   1 
HETATM 602 O  O     . HOH E 4 .  ? 0.066   -9.878  -1.665  1.00 26.48 ? 30 HOH A O     1 
HETATM 603 O  O     . HOH E 4 .  ? -6.852  1.281   5.731   1.00 23.59 ? 31 HOH A O     1 
HETATM 604 O  O     . HOH E 4 .  ? -2.297  11.590  -13.306 1.00 22.79 ? 34 HOH A O     1 
HETATM 605 O  O     . HOH E 4 .  ? -0.764  13.913  -4.021  1.00 39.92 ? 35 HOH A O     1 
HETATM 606 O  O     . HOH E 4 .  ? -6.250  2.199   9.024   1.00 21.95 ? 36 HOH A O     1 
HETATM 607 O  O     . HOH E 4 .  ? -8.899  -1.707  9.167   1.00 28.78 ? 38 HOH A O     1 
HETATM 608 O  O     . HOH E 4 .  ? -4.810  12.016  -12.525 1.00 27.43 ? 39 HOH A O     1 
HETATM 609 O  O     . HOH E 4 .  ? 3.731   -1.602  -0.240  1.00 20.71 ? 40 HOH A O     1 
HETATM 610 O  O     . HOH E 4 .  ? -10.713 -10.671 0.627   1.00 30.05 ? 43 HOH A O     1 
HETATM 611 O  O     . HOH E 4 .  ? 0.416   8.487   -13.392 1.00 25.09 ? 44 HOH A O     1 
HETATM 612 O  O     . HOH E 4 .  ? 1.796   -2.982  -1.758  1.00 27.38 ? 48 HOH A O     1 
HETATM 613 O  O     . HOH E 4 .  ? 11.149  -1.055  0.489   1.00 32.07 ? 50 HOH A O     1 
HETATM 614 O  O     . HOH E 4 .  ? -0.473  5.965   -14.218 1.00 32.66 ? 53 HOH A O     1 
HETATM 615 O  O     . HOH E 4 .  ? -8.368  11.434  -10.447 1.00 31.26 ? 54 HOH A O     1 
HETATM 616 O  O     . HOH E 4 .  ? -2.254  10.421  -5.421  1.00 35.03 ? 56 HOH A O     1 
HETATM 617 O  O     . HOH E 4 .  ? 8.231   1.694   -6.277  1.00 34.70 ? 57 HOH A O     1 
HETATM 618 O  O     . HOH E 4 .  ? 1.720   3.882   11.113  1.00 29.73 ? 58 HOH A O     1 
HETATM 619 O  O     . HOH E 4 .  ? 3.978   -11.764 0.127   1.00 33.48 ? 62 HOH A O     1 
HETATM 620 O  O     . HOH E 4 .  ? -1.771  11.703  -3.278  1.00 42.68 ? 63 HOH A O     1 
HETATM 621 O  O     . HOH E 4 .  ? 1.812   3.491   -13.781 1.00 34.75 ? 64 HOH A O     1 
HETATM 622 O  O     . HOH E 4 .  ? -10.410 -6.243  4.622   1.00 33.49 ? 65 HOH A O     1 
HETATM 623 O  O     . HOH E 4 .  ? -3.016  -8.031  8.378   1.00 39.65 ? 66 HOH A O     1 
HETATM 624 O  O     . HOH E 4 .  ? 0.728   10.895  -4.769  1.00 30.08 ? 67 HOH A O     1 
HETATM 625 O  O     . HOH E 4 .  ? -5.523  -13.650 7.903   1.00 42.07 ? 69 HOH A O     1 
HETATM 626 O  O     . HOH E 4 .  ? -2.248  -2.407  -7.208  1.00 42.75 ? 70 HOH A O     1 
HETATM 627 O  O     . HOH E 4 .  ? -3.505  6.938   -6.244  1.00 27.75 ? 71 HOH A O     1 
HETATM 628 O  O     . HOH E 4 .  ? -7.873  -1.386  6.351   1.00 33.89 ? 72 HOH A O     1 
HETATM 629 O  O     . HOH E 4 .  ? -2.990  -10.831 7.096   1.00 34.33 ? 73 HOH A O     1 
HETATM 630 O  O     . HOH E 4 .  ? 5.649   4.639   -9.748  1.00 38.51 ? 74 HOH A O     1 
HETATM 631 O  O     . HOH E 4 .  ? -13.922 -12.835 9.927   1.00 40.13 ? 78 HOH A O     1 
HETATM 632 O  O     . HOH E 4 .  ? -0.598  0.775   -2.769  1.00 35.51 ? 79 HOH A O     1 
HETATM 633 O  O     . HOH E 4 .  ? -4.314  8.260   -14.769 1.00 41.73 ? 80 HOH A O     1 
HETATM 634 O  O     . HOH E 4 .  ? -2.279  9.707   -15.175 1.00 41.05 ? 84 HOH A O     1 
HETATM 635 O  O     . HOH E 4 .  ? -3.164  1.431   10.840  1.00 36.50 ? 86 HOH A O     1 
HETATM 636 O  O     . HOH E 4 .  ? -1.600  -3.067  -4.730  1.00 46.50 ? 88 HOH A O     1 
HETATM 637 O  O     . HOH E 4 .  ? 0.020   -8.596  2.647   1.00 29.31 ? 92 HOH A O     1 
HETATM 638 O  O     . HOH E 4 .  ? 1.621   -8.951  4.904   1.00 31.57 ? 93 HOH A O     1 
HETATM 639 O  O     . HOH E 4 .  ? 1.798   -11.517 3.118   1.00 31.64 ? 96 HOH A O     1 
HETATM 640 O  O     . HOH F 4 .  ? 9.707   2.484   -2.110  1.00 33.56 ? 29 HOH B O     1 
HETATM 641 O  O     . HOH F 4 .  ? -7.831  3.437   7.030   1.00 31.71 ? 32 HOH B O     1 
HETATM 642 O  O     . HOH F 4 .  ? -3.108  1.785   1.470   1.00 17.76 ? 33 HOH B O     1 
HETATM 643 O  O     . HOH F 4 .  ? 1.720   -14.183 4.975   1.00 28.44 ? 37 HOH B O     1 
HETATM 644 O  O     . HOH F 4 .  ? 5.985   12.660  7.324   1.00 42.03 ? 41 HOH B O     1 
HETATM 645 O  O     . HOH F 4 .  ? 8.978   0.440   -0.603  1.00 24.69 ? 42 HOH B O     1 
HETATM 646 O  O     . HOH F 4 .  ? 4.410   12.040  -4.007  1.00 34.80 ? 45 HOH B O     1 
HETATM 647 O  O     . HOH F 4 .  ? -0.914  -2.389  -1.597  1.00 29.53 ? 46 HOH B O     1 
HETATM 648 O  O     . HOH F 4 .  ? 1.255   11.212  -14.444 1.00 24.91 ? 47 HOH B O     1 
HETATM 649 O  O     . HOH F 4 .  ? -3.612  11.202  8.571   1.00 27.93 ? 49 HOH B O     1 
HETATM 650 O  O     . HOH F 4 .  ? 9.001   12.729  -8.494  1.00 31.93 ? 51 HOH B O     1 
HETATM 651 O  O     . HOH F 4 .  ? -4.694  -2.577  -3.184  1.00 31.20 ? 52 HOH B O     1 
HETATM 652 O  O     . HOH F 4 .  ? 1.366   12.900  6.541   1.00 31.21 ? 55 HOH B O     1 
HETATM 653 O  O     . HOH F 4 .  ? 1.765   7.460   3.130   1.00 27.33 ? 59 HOH B O     1 
HETATM 654 O  O     . HOH F 4 .  ? 11.705  12.189  3.262   1.00 35.86 ? 60 HOH B O     1 
HETATM 655 O  O     . HOH F 4 .  ? 6.519   14.013  -6.521  1.00 34.00 ? 61 HOH B O     1 
HETATM 656 O  O     . HOH F 4 .  ? -0.438  8.430   -3.303  1.00 37.26 ? 68 HOH B O     1 
HETATM 657 O  O     . HOH F 4 .  ? -3.432  -16.999 -2.474  1.00 30.08 ? 75 HOH B O     1 
HETATM 658 O  O     . HOH F 4 .  ? -5.155  10.470  -4.117  1.00 32.72 ? 76 HOH B O     1 
HETATM 659 O  O     . HOH F 4 .  ? -1.004  -17.472 -3.558  1.00 34.17 ? 77 HOH B O     1 
HETATM 660 O  O     . HOH F 4 .  ? -1.381  -14.979 6.404   1.00 39.82 ? 81 HOH B O     1 
HETATM 661 O  O     . HOH F 4 .  ? -2.681  -5.388  -5.903  1.00 39.34 ? 82 HOH B O     1 
HETATM 662 O  O     . HOH F 4 .  ? -6.501  -14.597 -2.477  1.00 39.14 ? 83 HOH B O     1 
HETATM 663 O  O     . HOH F 4 .  ? -9.130  -8.561  -5.487  1.00 37.24 ? 85 HOH B O     1 
HETATM 664 O  O     . HOH F 4 .  ? 14.469  12.624  0.502   1.00 40.23 ? 87 HOH B O     1 
HETATM 665 O  O     . HOH F 4 .  ? 4.564   9.838   2.443   1.00 36.86 ? 89 HOH B O     1 
HETATM 666 O  O     . HOH F 4 .  ? -0.747  12.291  4.773   1.00 44.27 ? 90 HOH B O     1 
HETATM 667 O  O     . HOH F 4 .  ? -10.142 2.202   8.023   1.00 43.94 ? 91 HOH B O     1 
HETATM 668 O  O     . HOH F 4 .  ? 0.668   -11.972 5.576   1.00 42.05 ? 94 HOH B O     1 
HETATM 669 O  O     . HOH F 4 .  ? -1.079  -11.340 3.666   1.00 34.61 ? 95 HOH B O     1 
# 
